data_7BJK
#
_entry.id   7BJK
#
_cell.length_a   214.090
_cell.length_b   83.010
_cell.length_c   118.240
_cell.angle_alpha   90.000
_cell.angle_beta   115.759
_cell.angle_gamma   90.000
#
_symmetry.space_group_name_H-M   'C 1 2 1'
#
loop_
_entity.id
_entity.type
_entity.pdbx_description
1 polymer 'Superoxide dismutase [Fe] 2, chloroplastic'
2 non-polymer 'ZINC ION'
3 water water
#
_entity_poly.entity_id   1
_entity_poly.type   'polypeptide(L)'
_entity_poly.pdbx_seq_one_letter_code
;GVITAGFELKPPPYPLDALEPHMSRETLDYHWGKHHKTYVENLNKQILGTDLDALSLEEVVLLSYNKGNMLPAFNNAAQA
WNHEFFWESIQPGGGGKPTGELLRLIERDFGSFEEFLERFKSAAASNFGSGWTWLAYKANRLDVANAVNPLPKEEDKKLV
IVKTPNAVNPLVWDYSPLLTIDTWEHAYYLDFENRRAEYINTFMEKLVSWETVSTRLESAIARAVQREQEGTETEDEENP
DDEVPEVYLDSDIDVSEVDAAALEHHHHHH
;
_entity_poly.pdbx_strand_id   A,B,C,D,E
#
loop_
_chem_comp.id
_chem_comp.type
_chem_comp.name
_chem_comp.formula
ZN non-polymer 'ZINC ION' 'Zn 2'
#
# COMPACT_ATOMS: atom_id res chain seq x y z
N GLY A 1 -3.77 -0.94 23.87
CA GLY A 1 -2.77 -1.13 24.92
C GLY A 1 -1.53 -0.28 24.72
N VAL A 2 -0.37 -0.88 25.01
CA VAL A 2 0.90 -0.17 24.82
C VAL A 2 1.02 0.25 23.36
N ILE A 3 1.32 1.52 23.15
CA ILE A 3 1.41 2.05 21.80
C ILE A 3 2.74 1.63 21.17
N THR A 4 2.78 1.73 19.84
CA THR A 4 3.97 1.57 19.03
C THR A 4 4.43 2.95 18.54
N ALA A 5 5.68 3.01 18.09
CA ALA A 5 6.19 4.19 17.40
C ALA A 5 5.84 4.18 15.91
N GLY A 6 4.89 3.34 15.48
CA GLY A 6 4.53 3.26 14.07
C GLY A 6 5.68 2.74 13.23
N PHE A 7 5.67 3.09 11.96
CA PHE A 7 6.77 2.69 11.09
C PHE A 7 7.93 3.67 11.22
N GLU A 8 9.13 3.16 11.06
CA GLU A 8 10.34 3.93 11.29
C GLU A 8 10.94 4.37 9.96
N LEU A 9 11.74 5.42 10.03
CA LEU A 9 12.53 5.91 8.89
C LEU A 9 13.90 5.27 9.02
N LYS A 10 14.13 4.25 8.24
CA LYS A 10 15.42 3.60 8.25
C LYS A 10 16.41 4.46 7.47
N PRO A 11 17.59 4.75 8.00
CA PRO A 11 18.58 5.48 7.23
C PRO A 11 19.15 4.61 6.12
N PRO A 12 19.67 5.23 5.05
CA PRO A 12 20.36 4.45 4.03
C PRO A 12 21.52 3.68 4.64
N PRO A 13 21.88 2.55 4.05
CA PRO A 13 22.98 1.75 4.62
C PRO A 13 24.37 2.32 4.38
N TYR A 14 24.52 3.64 4.28
CA TYR A 14 25.82 4.26 4.08
C TYR A 14 25.71 5.71 4.50
N PRO A 15 26.83 6.37 4.77
CA PRO A 15 26.78 7.79 5.13
C PRO A 15 26.10 8.60 4.03
N LEU A 16 25.52 9.74 4.43
CA LEU A 16 24.72 10.51 3.49
C LEU A 16 25.56 11.14 2.38
N ASP A 17 26.88 11.23 2.55
CA ASP A 17 27.75 11.71 1.50
C ASP A 17 28.51 10.59 0.81
N ALA A 18 28.17 9.33 1.08
CA ALA A 18 28.94 8.22 0.55
C ALA A 18 28.74 8.00 -0.95
N LEU A 19 27.66 8.53 -1.54
CA LEU A 19 27.41 8.26 -2.95
C LEU A 19 27.96 9.35 -3.86
N GLU A 20 28.69 10.32 -3.31
CA GLU A 20 29.26 11.40 -4.10
C GLU A 20 30.39 10.88 -5.00
N PRO A 21 30.56 11.49 -6.18
CA PRO A 21 29.82 12.63 -6.73
C PRO A 21 28.56 12.25 -7.50
N HIS A 22 28.21 10.97 -7.50
CA HIS A 22 27.14 10.50 -8.38
C HIS A 22 25.77 10.86 -7.84
N MET A 23 25.60 10.77 -6.52
CA MET A 23 24.39 11.27 -5.86
C MET A 23 24.85 12.06 -4.65
N SER A 24 24.58 13.36 -4.65
CA SER A 24 25.20 14.27 -3.70
C SER A 24 24.58 14.16 -2.30
N ARG A 25 25.30 14.73 -1.34
CA ARG A 25 24.82 14.82 0.04
C ARG A 25 23.52 15.60 0.11
N GLU A 26 23.42 16.65 -0.72
CA GLU A 26 22.22 17.47 -0.76
C GLU A 26 21.03 16.66 -1.26
N THR A 27 21.25 15.75 -2.18
CA THR A 27 20.16 14.90 -2.67
C THR A 27 19.65 14.00 -1.57
N LEU A 28 20.54 13.28 -0.89
CA LEU A 28 20.08 12.40 0.17
C LEU A 28 19.42 13.21 1.28
N ASP A 29 20.03 14.34 1.68
CA ASP A 29 19.39 15.22 2.65
C ASP A 29 17.97 15.57 2.24
N TYR A 30 17.76 15.86 0.94
CA TYR A 30 16.43 16.25 0.52
C TYR A 30 15.55 15.03 0.23
N HIS A 31 16.09 14.05 -0.49
CA HIS A 31 15.30 12.89 -0.89
C HIS A 31 14.98 12.00 0.31
N TRP A 32 16.00 11.62 1.08
CA TRP A 32 15.73 10.85 2.29
C TRP A 32 15.26 11.76 3.43
N GLY A 33 15.99 12.84 3.70
CA GLY A 33 15.70 13.66 4.86
C GLY A 33 14.34 14.32 4.83
N LYS A 34 13.80 14.62 3.64
CA LYS A 34 12.49 15.26 3.60
C LYS A 34 11.42 14.36 2.97
N HIS A 35 11.60 13.89 1.73
CA HIS A 35 10.51 13.17 1.07
C HIS A 35 10.23 11.83 1.75
N HIS A 36 11.28 11.02 1.92
CA HIS A 36 11.09 9.71 2.54
C HIS A 36 10.57 9.88 3.97
N LYS A 37 11.22 10.74 4.77
CA LYS A 37 10.72 11.12 6.09
C LYS A 37 9.23 11.47 6.06
N THR A 38 8.82 12.28 5.07
CA THR A 38 7.43 12.74 5.01
C THR A 38 6.47 11.59 4.69
N TYR A 39 6.87 10.69 3.79
CA TYR A 39 6.02 9.53 3.52
C TYR A 39 5.78 8.73 4.80
N VAL A 40 6.85 8.47 5.56
CA VAL A 40 6.71 7.69 6.80
C VAL A 40 5.84 8.45 7.80
N GLU A 41 6.14 9.74 8.01
CA GLU A 41 5.33 10.54 8.94
C GLU A 41 3.87 10.54 8.52
N ASN A 42 3.61 10.84 7.25
CA ASN A 42 2.24 10.94 6.77
C ASN A 42 1.51 9.61 6.87
N LEU A 43 2.22 8.50 6.65
CA LEU A 43 1.64 7.18 6.84
C LEU A 43 1.28 6.94 8.30
N ASN A 44 2.21 7.25 9.22
CA ASN A 44 1.92 7.07 10.63
C ASN A 44 0.70 7.89 11.03
N LYS A 45 0.53 9.10 10.46
CA LYS A 45 -0.64 9.88 10.83
C LYS A 45 -1.92 9.22 10.34
N GLN A 46 -1.90 8.68 9.11
CA GLN A 46 -3.09 8.07 8.54
C GLN A 46 -3.56 6.84 9.29
N ILE A 47 -2.65 6.07 9.89
CA ILE A 47 -3.02 4.82 10.55
C ILE A 47 -3.19 4.97 12.05
N LEU A 48 -3.05 6.17 12.60
CA LEU A 48 -3.44 6.43 13.99
C LEU A 48 -4.86 5.95 14.23
N GLY A 49 -5.08 5.33 15.38
CA GLY A 49 -6.38 4.79 15.68
C GLY A 49 -6.69 3.44 15.07
N THR A 50 -5.70 2.79 14.47
CA THR A 50 -5.84 1.45 13.92
C THR A 50 -4.69 0.60 14.41
N ASP A 51 -4.75 -0.70 14.13
CA ASP A 51 -3.66 -1.59 14.49
C ASP A 51 -2.79 -1.94 13.31
N LEU A 52 -2.78 -1.09 12.27
CA LEU A 52 -2.01 -1.42 11.07
C LEU A 52 -0.51 -1.41 11.32
N ASP A 53 -0.04 -0.61 12.27
CA ASP A 53 1.40 -0.64 12.52
C ASP A 53 1.86 -1.96 13.13
N ALA A 54 0.93 -2.83 13.55
CA ALA A 54 1.29 -4.19 13.92
C ALA A 54 1.73 -5.00 12.71
N LEU A 55 1.29 -4.61 11.52
CA LEU A 55 1.66 -5.33 10.31
C LEU A 55 3.01 -4.87 9.78
N SER A 56 3.62 -5.72 8.95
CA SER A 56 4.77 -5.26 8.17
C SER A 56 4.33 -4.21 7.15
N LEU A 57 5.28 -3.34 6.78
CA LEU A 57 5.01 -2.37 5.73
C LEU A 57 4.54 -3.05 4.44
N GLU A 58 5.23 -4.13 4.05
CA GLU A 58 4.74 -5.00 2.97
C GLU A 58 3.25 -5.28 3.09
N GLU A 59 2.83 -5.77 4.27
CA GLU A 59 1.43 -6.16 4.45
C GLU A 59 0.49 -4.98 4.32
N VAL A 60 0.92 -3.80 4.74
CA VAL A 60 0.05 -2.63 4.62
C VAL A 60 -0.15 -2.27 3.16
N VAL A 61 0.93 -2.34 2.37
CA VAL A 61 0.84 -2.07 0.93
C VAL A 61 -0.16 -3.01 0.28
N LEU A 62 0.02 -4.32 0.50
CA LEU A 62 -0.87 -5.31 -0.09
C LEU A 62 -2.31 -5.08 0.32
N LEU A 63 -2.52 -4.71 1.59
CA LEU A 63 -3.86 -4.60 2.14
C LEU A 63 -4.59 -3.39 1.59
N SER A 64 -3.88 -2.28 1.38
CA SER A 64 -4.50 -1.07 0.90
C SER A 64 -4.41 -0.91 -0.62
N TYR A 65 -3.80 -1.84 -1.34
CA TYR A 65 -3.90 -1.77 -2.80
C TYR A 65 -5.34 -1.98 -3.24
N ASN A 66 -6.03 -2.95 -2.64
CA ASN A 66 -7.44 -3.22 -2.92
C ASN A 66 -7.67 -3.45 -4.41
N LYS A 67 -6.84 -4.31 -5.00
CA LYS A 67 -6.95 -4.70 -6.40
C LYS A 67 -7.08 -3.48 -7.32
N GLY A 68 -6.39 -2.38 -7.00
CA GLY A 68 -6.33 -1.22 -7.86
C GLY A 68 -7.15 -0.02 -7.39
N ASN A 69 -8.26 -0.25 -6.70
CA ASN A 69 -9.05 0.86 -6.13
C ASN A 69 -8.46 1.20 -4.76
N MET A 70 -7.33 1.90 -4.80
CA MET A 70 -6.48 2.02 -3.62
C MET A 70 -7.17 2.76 -2.49
N LEU A 71 -6.89 2.31 -1.26
CA LEU A 71 -7.35 2.84 0.00
C LEU A 71 -6.40 3.93 0.48
N PRO A 72 -6.84 4.79 1.41
CA PRO A 72 -6.08 6.02 1.73
C PRO A 72 -4.62 5.81 2.07
N ALA A 73 -4.24 4.72 2.72
CA ALA A 73 -2.87 4.59 3.18
C ALA A 73 -1.91 4.10 2.11
N PHE A 74 -2.40 3.71 0.93
CA PHE A 74 -1.54 3.01 -0.02
C PHE A 74 -0.34 3.85 -0.44
N ASN A 75 -0.58 5.08 -0.91
CA ASN A 75 0.50 5.87 -1.48
C ASN A 75 1.64 6.10 -0.50
N ASN A 76 1.32 6.40 0.77
CA ASN A 76 2.37 6.61 1.75
C ASN A 76 3.05 5.30 2.12
N ALA A 77 2.26 4.23 2.26
CA ALA A 77 2.84 2.93 2.60
C ALA A 77 3.73 2.43 1.46
N ALA A 78 3.21 2.45 0.22
CA ALA A 78 4.03 2.03 -0.91
C ALA A 78 5.29 2.89 -1.03
N GLN A 79 5.14 4.22 -0.92
CA GLN A 79 6.31 5.06 -1.08
C GLN A 79 7.32 4.81 0.02
N ALA A 80 6.85 4.61 1.26
CA ALA A 80 7.78 4.26 2.33
C ALA A 80 8.55 3.01 1.96
N TRP A 81 7.83 1.96 1.55
CA TRP A 81 8.49 0.71 1.18
C TRP A 81 9.42 0.92 -0.03
N ASN A 82 8.93 1.58 -1.08
CA ASN A 82 9.74 1.80 -2.28
C ASN A 82 11.05 2.51 -1.95
N HIS A 83 11.00 3.52 -1.08
CA HIS A 83 12.21 4.31 -0.82
C HIS A 83 13.23 3.53 -0.01
N GLU A 84 12.78 2.71 0.93
CA GLU A 84 13.74 1.86 1.63
C GLU A 84 14.40 0.89 0.67
N PHE A 85 13.59 0.27 -0.19
CA PHE A 85 14.13 -0.62 -1.22
C PHE A 85 15.09 0.13 -2.14
N PHE A 86 14.80 1.41 -2.42
CA PHE A 86 15.69 2.23 -3.24
C PHE A 86 17.07 2.43 -2.61
N TRP A 87 17.12 2.87 -1.34
CA TRP A 87 18.43 3.16 -0.76
C TRP A 87 19.28 1.90 -0.67
N GLU A 88 18.64 0.76 -0.50
CA GLU A 88 19.36 -0.49 -0.37
C GLU A 88 19.68 -1.11 -1.72
N SER A 89 19.13 -0.54 -2.80
CA SER A 89 19.46 -0.95 -4.17
C SER A 89 20.78 -0.37 -4.66
N ILE A 90 21.43 0.52 -3.90
CA ILE A 90 22.62 1.21 -4.38
C ILE A 90 23.67 1.19 -3.27
N GLN A 91 24.89 1.56 -3.66
CA GLN A 91 26.02 1.47 -2.75
C GLN A 91 27.16 2.33 -3.29
N PRO A 92 28.05 2.79 -2.42
CA PRO A 92 29.33 3.33 -2.89
C PRO A 92 30.07 2.27 -3.70
N GLY A 93 30.65 2.69 -4.81
CA GLY A 93 31.32 1.73 -5.66
C GLY A 93 30.38 0.68 -6.22
N GLY A 94 29.17 1.09 -6.60
CA GLY A 94 28.26 0.24 -7.31
C GLY A 94 28.60 0.20 -8.79
N GLY A 95 27.61 -0.15 -9.60
CA GLY A 95 27.83 -0.29 -11.03
C GLY A 95 28.48 -1.62 -11.37
N GLY A 96 29.09 -1.65 -12.55
CA GLY A 96 29.67 -2.91 -13.02
C GLY A 96 28.57 -3.88 -13.43
N LYS A 97 28.93 -5.16 -13.44
CA LYS A 97 28.04 -6.20 -13.91
C LYS A 97 27.71 -7.16 -12.79
N PRO A 98 26.56 -7.81 -12.82
CA PRO A 98 26.29 -8.89 -11.86
C PRO A 98 27.06 -10.15 -12.21
N THR A 99 27.02 -11.11 -11.29
CA THR A 99 27.74 -12.36 -11.45
C THR A 99 26.84 -13.52 -11.04
N GLY A 100 27.34 -14.73 -11.29
CA GLY A 100 26.70 -15.94 -10.80
C GLY A 100 25.28 -16.09 -11.27
N GLU A 101 24.44 -16.60 -10.38
CA GLU A 101 23.05 -16.93 -10.71
C GLU A 101 22.31 -15.73 -11.30
N LEU A 102 22.54 -14.54 -10.77
CA LEU A 102 21.81 -13.37 -11.24
C LEU A 102 22.18 -13.04 -12.69
N LEU A 103 23.48 -13.05 -12.99
CA LEU A 103 23.93 -12.83 -14.36
C LEU A 103 23.33 -13.86 -15.30
N ARG A 104 23.39 -15.13 -14.91
CA ARG A 104 22.86 -16.20 -15.75
C ARG A 104 21.37 -16.02 -16.03
N LEU A 105 20.60 -15.65 -15.01
CA LEU A 105 19.17 -15.47 -15.23
C LEU A 105 18.91 -14.26 -16.13
N ILE A 106 19.63 -13.16 -15.91
CA ILE A 106 19.47 -12.00 -16.76
C ILE A 106 19.77 -12.37 -18.21
N GLU A 107 20.82 -13.17 -18.43
CA GLU A 107 21.18 -13.51 -19.80
C GLU A 107 20.28 -14.59 -20.39
N ARG A 108 19.63 -15.42 -19.56
CA ARG A 108 18.65 -16.34 -20.11
C ARG A 108 17.40 -15.59 -20.55
N ASP A 109 16.96 -14.61 -19.77
CA ASP A 109 15.69 -13.97 -20.03
C ASP A 109 15.82 -12.69 -20.86
N PHE A 110 17.01 -12.12 -20.98
CA PHE A 110 17.20 -10.93 -21.80
C PHE A 110 18.30 -11.12 -22.85
N GLY A 111 18.84 -12.33 -23.01
CA GLY A 111 19.79 -12.59 -24.07
C GLY A 111 21.21 -12.36 -23.62
N SER A 112 21.42 -11.27 -22.88
CA SER A 112 22.73 -10.86 -22.41
C SER A 112 22.52 -9.70 -21.45
N PHE A 113 23.57 -9.38 -20.70
CA PHE A 113 23.45 -8.31 -19.74
C PHE A 113 23.32 -6.95 -20.43
N GLU A 114 24.05 -6.77 -21.53
CA GLU A 114 23.98 -5.53 -22.30
C GLU A 114 22.57 -5.31 -22.84
N GLU A 115 21.92 -6.36 -23.36
CA GLU A 115 20.53 -6.22 -23.81
C GLU A 115 19.61 -5.86 -22.66
N PHE A 116 19.69 -6.61 -21.55
CA PHE A 116 18.92 -6.22 -20.38
C PHE A 116 19.17 -4.77 -20.00
N LEU A 117 20.45 -4.37 -19.95
CA LEU A 117 20.80 -3.03 -19.52
C LEU A 117 20.09 -1.97 -20.36
N GLU A 118 20.17 -2.11 -21.68
CA GLU A 118 19.56 -1.12 -22.55
C GLU A 118 18.04 -1.12 -22.39
N ARG A 119 17.44 -2.30 -22.17
CA ARG A 119 15.99 -2.34 -22.00
C ARG A 119 15.58 -1.75 -20.68
N PHE A 120 16.39 -1.93 -19.63
CA PHE A 120 16.05 -1.35 -18.34
C PHE A 120 16.20 0.17 -18.38
N LYS A 121 17.36 0.66 -18.85
CA LYS A 121 17.54 2.10 -18.96
C LYS A 121 16.46 2.72 -19.84
N SER A 122 16.07 2.03 -20.92
CA SER A 122 15.07 2.61 -21.82
C SER A 122 13.67 2.60 -21.20
N ALA A 123 13.33 1.57 -20.42
CA ALA A 123 12.07 1.59 -19.69
C ALA A 123 12.08 2.70 -18.64
N ALA A 124 13.19 2.83 -17.91
CA ALA A 124 13.32 3.91 -16.92
C ALA A 124 13.06 5.26 -17.57
N ALA A 125 13.54 5.45 -18.79
CA ALA A 125 13.48 6.77 -19.42
C ALA A 125 12.10 7.07 -19.97
N SER A 126 11.36 6.05 -20.39
CA SER A 126 10.10 6.27 -21.08
C SER A 126 8.88 6.24 -20.17
N ASN A 127 9.08 5.95 -18.88
CA ASN A 127 8.00 5.94 -17.89
C ASN A 127 7.63 7.38 -17.55
N PHE A 128 6.55 7.87 -18.14
CA PHE A 128 6.29 9.31 -18.09
C PHE A 128 5.73 9.74 -16.73
N GLY A 129 6.06 10.97 -16.35
CA GLY A 129 5.61 11.48 -15.07
C GLY A 129 6.38 10.86 -13.91
N SER A 130 5.69 10.75 -12.77
CA SER A 130 6.30 10.23 -11.55
C SER A 130 6.19 8.71 -11.50
N GLY A 131 7.27 8.03 -11.09
CA GLY A 131 7.17 6.59 -10.90
C GLY A 131 8.51 5.88 -10.74
N TRP A 132 8.47 4.58 -11.02
CA TRP A 132 9.54 3.64 -10.72
C TRP A 132 9.69 2.64 -11.84
N THR A 133 10.92 2.19 -12.06
CA THR A 133 11.20 1.08 -12.95
C THR A 133 11.89 -0.02 -12.15
N TRP A 134 11.46 -1.25 -12.39
CA TRP A 134 11.87 -2.38 -11.57
C TRP A 134 12.41 -3.51 -12.44
N LEU A 135 13.39 -4.23 -11.90
CA LEU A 135 13.64 -5.63 -12.24
C LEU A 135 12.96 -6.48 -11.16
N ALA A 136 12.21 -7.50 -11.59
CA ALA A 136 11.40 -8.28 -10.67
C ALA A 136 11.37 -9.75 -11.08
N TYR A 137 11.24 -10.61 -10.08
CA TYR A 137 11.21 -12.06 -10.27
C TYR A 137 9.79 -12.57 -10.04
N LYS A 138 9.25 -13.34 -11.00
CA LYS A 138 7.93 -13.95 -10.85
C LYS A 138 8.05 -15.46 -10.99
N ALA A 139 7.48 -16.18 -10.03
CA ALA A 139 7.50 -17.64 -10.06
C ALA A 139 6.30 -18.19 -10.81
N ASN A 140 5.10 -17.76 -10.43
CA ASN A 140 3.86 -18.23 -11.04
C ASN A 140 3.57 -17.48 -12.35
N LYS A 157 9.57 -17.16 -18.65
CA LYS A 157 10.52 -16.09 -18.26
C LYS A 157 10.34 -15.64 -16.81
N LYS A 158 11.39 -15.79 -16.01
CA LYS A 158 11.29 -15.53 -14.57
C LYS A 158 11.60 -14.07 -14.22
N LEU A 159 12.46 -13.40 -14.98
CA LEU A 159 12.78 -12.00 -14.74
C LEU A 159 12.05 -11.09 -15.70
N VAL A 160 11.50 -9.99 -15.18
CA VAL A 160 10.76 -9.02 -15.97
C VAL A 160 11.19 -7.63 -15.56
N ILE A 161 11.16 -6.71 -16.52
CA ILE A 161 11.26 -5.29 -16.25
C ILE A 161 9.85 -4.74 -16.13
N VAL A 162 9.61 -3.95 -15.09
CA VAL A 162 8.29 -3.42 -14.76
C VAL A 162 8.37 -1.91 -14.64
N LYS A 163 7.38 -1.23 -15.22
CA LYS A 163 7.21 0.19 -15.04
C LYS A 163 5.98 0.38 -14.18
N THR A 164 6.10 1.20 -13.15
CA THR A 164 4.93 1.52 -12.35
C THR A 164 4.77 3.03 -12.25
N PRO A 165 3.54 3.52 -12.20
CA PRO A 165 3.28 4.94 -11.91
C PRO A 165 3.24 5.25 -10.43
N ASN A 166 3.70 6.46 -10.10
CA ASN A 166 3.53 7.07 -8.78
C ASN A 166 4.09 6.18 -7.66
N ALA A 167 3.24 5.60 -6.82
CA ALA A 167 3.70 4.80 -5.70
C ALA A 167 3.64 3.30 -5.97
N VAL A 168 2.99 2.87 -7.06
CA VAL A 168 2.75 1.46 -7.27
C VAL A 168 4.07 0.70 -7.38
N ASN A 169 4.07 -0.54 -6.93
CA ASN A 169 5.25 -1.39 -7.04
C ASN A 169 4.80 -2.80 -7.38
N PRO A 170 5.69 -3.66 -7.86
CA PRO A 170 5.25 -4.96 -8.35
C PRO A 170 4.80 -5.94 -7.26
N LEU A 171 5.06 -5.68 -5.96
CA LEU A 171 4.49 -6.53 -4.91
C LEU A 171 2.99 -6.67 -5.06
N VAL A 172 2.36 -5.59 -5.50
CA VAL A 172 0.93 -5.54 -5.71
C VAL A 172 0.46 -6.61 -6.68
N TRP A 173 1.36 -7.16 -7.51
CA TRP A 173 1.03 -8.22 -8.45
C TRP A 173 1.82 -9.50 -8.17
N ASP A 174 2.21 -9.72 -6.91
CA ASP A 174 2.90 -10.93 -6.46
C ASP A 174 4.28 -11.13 -7.11
N TYR A 175 4.80 -10.13 -7.81
CA TYR A 175 6.20 -10.18 -8.24
C TYR A 175 7.11 -9.90 -7.04
N SER A 176 8.32 -10.45 -7.09
CA SER A 176 9.30 -10.15 -6.05
C SER A 176 10.28 -9.14 -6.62
N PRO A 177 10.23 -7.88 -6.20
CA PRO A 177 11.16 -6.88 -6.76
C PRO A 177 12.59 -7.19 -6.39
N LEU A 178 13.50 -6.91 -7.32
CA LEU A 178 14.92 -7.13 -7.12
C LEU A 178 15.73 -5.86 -7.20
N LEU A 179 15.32 -4.94 -8.08
CA LEU A 179 16.01 -3.69 -8.29
C LEU A 179 14.95 -2.65 -8.58
N THR A 180 15.24 -1.40 -8.22
CA THR A 180 14.37 -0.31 -8.62
C THR A 180 15.19 0.94 -8.83
N ILE A 181 14.68 1.83 -9.67
CA ILE A 181 15.19 3.20 -9.77
C ILE A 181 14.00 4.14 -9.59
N ASP A 182 14.17 5.13 -8.70
CA ASP A 182 13.18 6.18 -8.49
C ASP A 182 13.28 7.20 -9.62
N THR A 183 12.22 7.39 -10.40
CA THR A 183 12.28 8.41 -11.46
C THR A 183 11.28 9.53 -11.21
N TRP A 184 10.75 9.64 -10.00
CA TRP A 184 10.20 10.89 -9.52
C TRP A 184 11.24 12.01 -9.69
N GLU A 185 10.78 13.19 -10.11
CA GLU A 185 11.73 14.28 -10.37
C GLU A 185 12.57 14.59 -9.14
N HIS A 186 11.99 14.46 -7.94
CA HIS A 186 12.75 14.82 -6.74
C HIS A 186 13.97 13.94 -6.60
N ALA A 187 13.99 12.79 -7.28
CA ALA A 187 15.09 11.86 -7.11
C ALA A 187 16.34 12.31 -7.82
N TYR A 188 16.24 13.22 -8.81
CA TYR A 188 17.44 13.58 -9.56
C TYR A 188 17.57 15.06 -9.92
N TYR A 189 16.64 15.93 -9.53
CA TYR A 189 16.80 17.35 -9.86
C TYR A 189 18.13 17.91 -9.35
N LEU A 190 18.46 17.65 -8.08
CA LEU A 190 19.62 18.30 -7.47
C LEU A 190 20.93 17.89 -8.12
N ASP A 191 21.00 16.70 -8.72
CA ASP A 191 22.21 16.22 -9.36
C ASP A 191 22.16 16.34 -10.88
N PHE A 192 21.00 16.19 -11.49
CA PHE A 192 20.92 16.13 -12.94
C PHE A 192 19.89 17.08 -13.52
N GLU A 193 19.28 17.93 -12.68
CA GLU A 193 18.19 18.79 -13.09
C GLU A 193 17.13 17.94 -13.79
N ASN A 194 16.84 18.26 -15.06
CA ASN A 194 15.81 17.54 -15.79
C ASN A 194 16.37 16.40 -16.65
N ARG A 195 17.68 16.15 -16.60
CA ARG A 195 18.32 15.18 -17.49
C ARG A 195 18.26 13.77 -16.89
N ARG A 196 17.06 13.18 -16.95
CA ARG A 196 16.80 11.87 -16.36
C ARG A 196 17.65 10.78 -16.98
N ALA A 197 17.88 10.84 -18.31
CA ALA A 197 18.66 9.80 -18.97
C ALA A 197 20.08 9.72 -18.40
N GLU A 198 20.69 10.89 -18.14
CA GLU A 198 21.97 10.97 -17.44
C GLU A 198 21.86 10.33 -16.07
N TYR A 199 20.84 10.73 -15.31
CA TYR A 199 20.59 10.12 -14.01
C TYR A 199 20.50 8.60 -14.12
N ILE A 200 19.68 8.10 -15.05
CA ILE A 200 19.51 6.66 -15.25
C ILE A 200 20.85 6.00 -15.58
N ASN A 201 21.68 6.69 -16.36
CA ASN A 201 22.97 6.12 -16.77
C ASN A 201 23.94 6.04 -15.60
N THR A 202 24.12 7.14 -14.87
CA THR A 202 24.99 7.12 -13.70
C THR A 202 24.55 6.04 -12.72
N PHE A 203 23.24 5.85 -12.62
CA PHE A 203 22.68 4.87 -11.68
C PHE A 203 23.21 3.47 -11.98
N MET A 204 23.17 3.07 -13.26
CA MET A 204 23.63 1.76 -13.67
C MET A 204 25.14 1.64 -13.69
N GLU A 205 25.84 2.73 -13.99
CA GLU A 205 27.30 2.67 -14.09
C GLU A 205 27.98 2.83 -12.74
N LYS A 206 27.35 3.47 -11.77
CA LYS A 206 28.07 3.82 -10.55
C LYS A 206 27.37 3.41 -9.26
N LEU A 207 26.06 3.17 -9.25
CA LEU A 207 25.34 3.08 -7.99
C LEU A 207 24.69 1.72 -7.73
N VAL A 208 24.20 1.03 -8.76
CA VAL A 208 23.44 -0.20 -8.54
C VAL A 208 24.28 -1.17 -7.72
N SER A 209 23.66 -1.78 -6.71
CA SER A 209 24.34 -2.76 -5.88
C SER A 209 23.95 -4.15 -6.36
N TRP A 210 24.76 -4.75 -7.23
CA TRP A 210 24.40 -6.06 -7.75
C TRP A 210 24.40 -7.13 -6.68
N GLU A 211 25.29 -7.02 -5.68
CA GLU A 211 25.29 -7.98 -4.58
C GLU A 211 23.93 -8.02 -3.87
N THR A 212 23.36 -6.83 -3.62
CA THR A 212 22.03 -6.78 -3.01
C THR A 212 20.98 -7.39 -3.92
N VAL A 213 21.07 -7.11 -5.23
CA VAL A 213 20.10 -7.68 -6.15
C VAL A 213 20.20 -9.22 -6.14
N SER A 214 21.42 -9.75 -6.06
CA SER A 214 21.56 -11.21 -6.01
C SER A 214 20.97 -11.77 -4.73
N THR A 215 21.25 -11.12 -3.59
CA THR A 215 20.66 -11.53 -2.32
C THR A 215 19.14 -11.58 -2.43
N ARG A 216 18.54 -10.58 -3.09
CA ARG A 216 17.10 -10.56 -3.18
C ARG A 216 16.59 -11.66 -4.11
N LEU A 217 17.36 -11.98 -5.14
CA LEU A 217 16.95 -13.07 -6.03
C LEU A 217 17.01 -14.41 -5.31
N GLU A 218 18.07 -14.66 -4.54
CA GLU A 218 18.14 -15.90 -3.76
C GLU A 218 16.94 -16.04 -2.83
N SER A 219 16.47 -14.92 -2.26
CA SER A 219 15.29 -14.98 -1.39
C SER A 219 14.02 -15.23 -2.18
N ALA A 220 13.86 -14.56 -3.32
CA ALA A 220 12.67 -14.79 -4.14
C ALA A 220 12.61 -16.24 -4.60
N ILE A 221 13.77 -16.81 -4.93
CA ILE A 221 13.82 -18.19 -5.41
C ILE A 221 13.43 -19.14 -4.28
N ALA A 222 13.99 -18.92 -3.10
CA ALA A 222 13.63 -19.73 -1.93
C ALA A 222 12.13 -19.68 -1.66
N ARG A 223 11.55 -18.47 -1.62
CA ARG A 223 10.12 -18.35 -1.38
C ARG A 223 9.31 -19.13 -2.41
N ALA A 224 9.75 -19.11 -3.66
CA ALA A 224 9.01 -19.82 -4.70
C ALA A 224 9.12 -21.33 -4.50
N VAL A 225 10.35 -21.83 -4.37
CA VAL A 225 10.55 -23.25 -4.07
C VAL A 225 9.74 -23.66 -2.85
N GLN A 226 9.82 -22.87 -1.78
CA GLN A 226 9.18 -23.26 -0.53
C GLN A 226 7.66 -23.27 -0.66
N ARG A 227 7.10 -22.43 -1.55
CA ARG A 227 5.66 -22.48 -1.80
C ARG A 227 5.25 -23.85 -2.33
N GLU A 228 6.04 -24.41 -3.26
CA GLU A 228 5.77 -25.76 -3.75
C GLU A 228 5.77 -26.77 -2.60
N GLN A 229 6.84 -26.81 -1.82
CA GLN A 229 6.93 -27.71 -0.67
C GLN A 229 6.11 -27.17 0.50
N GLY B 1 6.40 20.59 -49.72
CA GLY B 1 6.50 22.02 -49.90
C GLY B 1 7.31 22.75 -48.86
N VAL B 2 7.09 24.08 -48.79
CA VAL B 2 7.76 24.92 -47.79
C VAL B 2 7.49 24.38 -46.40
N ILE B 3 8.55 24.41 -45.56
CA ILE B 3 8.51 23.85 -44.23
C ILE B 3 8.16 24.93 -43.22
N THR B 4 7.68 24.48 -42.05
CA THR B 4 7.40 25.32 -40.91
C THR B 4 8.51 25.17 -39.88
N ALA B 5 8.54 26.10 -38.92
CA ALA B 5 9.43 25.95 -37.78
C ALA B 5 8.87 25.00 -36.72
N GLY B 6 7.68 24.45 -36.93
CA GLY B 6 7.04 23.66 -35.89
C GLY B 6 6.42 24.57 -34.84
N PHE B 7 6.11 23.98 -33.69
CA PHE B 7 5.50 24.76 -32.62
C PHE B 7 6.54 25.60 -31.91
N GLU B 8 6.13 26.80 -31.53
CA GLU B 8 7.03 27.78 -30.94
C GLU B 8 6.93 27.68 -29.42
N LEU B 9 8.03 28.06 -28.75
CA LEU B 9 8.03 28.26 -27.31
C LEU B 9 7.61 29.69 -27.07
N LYS B 10 6.38 29.89 -26.68
CA LYS B 10 5.95 31.24 -26.38
C LYS B 10 6.47 31.62 -24.99
N PRO B 11 7.01 32.83 -24.83
CA PRO B 11 7.46 33.26 -23.51
C PRO B 11 6.27 33.58 -22.62
N PRO B 12 6.44 33.53 -21.30
CA PRO B 12 5.37 34.01 -20.42
C PRO B 12 5.07 35.45 -20.71
N PRO B 13 3.81 35.88 -20.52
CA PRO B 13 3.43 37.26 -20.83
C PRO B 13 3.86 38.29 -19.79
N TYR B 14 5.03 38.11 -19.18
CA TYR B 14 5.62 39.05 -18.24
C TYR B 14 7.10 38.74 -18.16
N PRO B 15 7.94 39.68 -17.75
CA PRO B 15 9.36 39.35 -17.56
C PRO B 15 9.52 38.16 -16.62
N LEU B 16 10.63 37.44 -16.76
CA LEU B 16 10.86 36.19 -16.05
C LEU B 16 11.04 36.38 -14.54
N ASP B 17 11.29 37.61 -14.09
CA ASP B 17 11.42 37.91 -12.68
C ASP B 17 10.20 38.62 -12.14
N ALA B 18 9.17 38.81 -12.95
CA ALA B 18 8.03 39.62 -12.52
C ALA B 18 7.16 38.91 -11.49
N LEU B 19 7.34 37.61 -11.29
CA LEU B 19 6.53 36.93 -10.29
C LEU B 19 7.20 36.88 -8.92
N GLU B 20 8.42 37.40 -8.79
CA GLU B 20 9.12 37.37 -7.51
C GLU B 20 8.38 38.26 -6.52
N PRO B 21 8.34 37.84 -5.24
CA PRO B 21 9.06 36.68 -4.73
C PRO B 21 8.20 35.41 -4.66
N HIS B 22 7.01 35.41 -5.25
CA HIS B 22 6.13 34.25 -5.16
C HIS B 22 6.62 33.12 -6.04
N MET B 23 7.14 33.44 -7.22
CA MET B 23 7.74 32.45 -8.09
C MET B 23 9.01 33.06 -8.64
N SER B 24 10.15 32.42 -8.35
CA SER B 24 11.43 33.06 -8.55
C SER B 24 11.86 33.08 -10.03
N ARG B 25 12.82 33.96 -10.32
CA ARG B 25 13.48 33.98 -11.63
C ARG B 25 14.09 32.62 -11.96
N GLU B 26 14.72 31.98 -10.96
CA GLU B 26 15.28 30.66 -11.16
C GLU B 26 14.20 29.65 -11.56
N THR B 27 13.03 29.73 -10.92
CA THR B 27 11.95 28.82 -11.26
C THR B 27 11.56 28.99 -12.73
N LEU B 28 11.32 30.22 -13.16
CA LEU B 28 10.99 30.46 -14.57
C LEU B 28 12.11 29.97 -15.48
N ASP B 29 13.36 30.29 -15.16
CA ASP B 29 14.47 29.82 -16.00
C ASP B 29 14.46 28.32 -16.13
N TYR B 30 14.20 27.60 -15.03
CA TYR B 30 14.20 26.15 -15.09
C TYR B 30 12.91 25.61 -15.70
N HIS B 31 11.77 26.10 -15.21
CA HIS B 31 10.49 25.52 -15.57
C HIS B 31 10.09 25.91 -16.98
N TRP B 32 10.17 27.19 -17.32
CA TRP B 32 9.94 27.60 -18.70
C TRP B 32 11.14 27.27 -19.57
N GLY B 33 12.33 27.70 -19.17
CA GLY B 33 13.49 27.65 -20.04
C GLY B 33 14.02 26.26 -20.31
N LYS B 34 13.74 25.29 -19.45
CA LYS B 34 14.19 23.93 -19.70
C LYS B 34 13.01 22.98 -19.90
N HIS B 35 12.09 22.88 -18.93
CA HIS B 35 11.03 21.89 -19.05
C HIS B 35 10.07 22.22 -20.18
N HIS B 36 9.51 23.43 -20.18
CA HIS B 36 8.60 23.83 -21.24
C HIS B 36 9.32 23.81 -22.59
N LYS B 37 10.53 24.34 -22.64
CA LYS B 37 11.32 24.29 -23.86
C LYS B 37 11.49 22.85 -24.35
N THR B 38 11.77 21.93 -23.43
CA THR B 38 12.02 20.55 -23.83
C THR B 38 10.76 19.89 -24.38
N TYR B 39 9.59 20.18 -23.79
CA TYR B 39 8.35 19.63 -24.32
C TYR B 39 8.14 20.05 -25.78
N VAL B 40 8.33 21.33 -26.07
CA VAL B 40 8.11 21.84 -27.43
C VAL B 40 9.16 21.25 -28.38
N GLU B 41 10.44 21.28 -27.97
CA GLU B 41 11.47 20.65 -28.80
C GLU B 41 11.16 19.18 -29.07
N ASN B 42 10.78 18.42 -28.02
CA ASN B 42 10.55 16.98 -28.22
C ASN B 42 9.31 16.72 -29.06
N LEU B 43 8.28 17.54 -28.88
CA LEU B 43 7.13 17.48 -29.77
C LEU B 43 7.54 17.73 -31.21
N ASN B 44 8.39 18.74 -31.45
CA ASN B 44 8.72 19.06 -32.84
C ASN B 44 9.52 17.94 -33.47
N LYS B 45 10.37 17.29 -32.68
CA LYS B 45 11.09 16.12 -33.19
C LYS B 45 10.13 14.98 -33.50
N GLN B 46 9.10 14.79 -32.67
CA GLN B 46 8.21 13.65 -32.87
C GLN B 46 7.37 13.79 -34.13
N ILE B 47 7.07 15.01 -34.57
CA ILE B 47 6.16 15.22 -35.69
C ILE B 47 6.89 15.57 -36.98
N LEU B 48 8.22 15.62 -36.95
CA LEU B 48 8.99 15.65 -38.18
C LEU B 48 8.49 14.55 -39.11
N GLY B 49 8.38 14.87 -40.39
CA GLY B 49 7.92 13.91 -41.34
C GLY B 49 6.41 13.82 -41.49
N THR B 50 5.65 14.60 -40.74
CA THR B 50 4.19 14.65 -40.85
C THR B 50 3.76 16.10 -41.02
N ASP B 51 2.45 16.29 -41.19
CA ASP B 51 1.89 17.62 -41.35
C ASP B 51 1.10 18.06 -40.12
N LEU B 52 1.46 17.53 -38.95
CA LEU B 52 0.74 17.92 -37.74
C LEU B 52 1.05 19.35 -37.32
N ASP B 53 2.19 19.90 -37.74
CA ASP B 53 2.45 21.28 -37.36
C ASP B 53 1.56 22.27 -38.12
N ALA B 54 0.84 21.83 -39.16
CA ALA B 54 -0.22 22.66 -39.73
C ALA B 54 -1.44 22.77 -38.80
N LEU B 55 -1.55 21.90 -37.80
CA LEU B 55 -2.67 21.91 -36.88
C LEU B 55 -2.35 22.76 -35.65
N SER B 56 -3.41 23.21 -34.99
CA SER B 56 -3.24 23.86 -33.70
C SER B 56 -2.73 22.86 -32.67
N LEU B 57 -2.08 23.36 -31.62
CA LEU B 57 -1.72 22.50 -30.50
C LEU B 57 -2.93 21.74 -30.00
N GLU B 58 -4.04 22.44 -29.78
CA GLU B 58 -5.30 21.80 -29.36
C GLU B 58 -5.64 20.60 -30.23
N GLU B 59 -5.58 20.77 -31.54
CA GLU B 59 -5.96 19.71 -32.46
C GLU B 59 -5.04 18.51 -32.34
N VAL B 60 -3.76 18.74 -32.06
CA VAL B 60 -2.82 17.63 -31.92
C VAL B 60 -3.12 16.88 -30.63
N VAL B 61 -3.39 17.62 -29.54
CA VAL B 61 -3.76 17.02 -28.27
C VAL B 61 -4.98 16.12 -28.43
N LEU B 62 -6.06 16.65 -29.02
CA LEU B 62 -7.27 15.87 -29.23
C LEU B 62 -7.00 14.66 -30.13
N LEU B 63 -6.20 14.86 -31.18
CA LEU B 63 -5.94 13.79 -32.13
C LEU B 63 -5.19 12.66 -31.46
N SER B 64 -4.23 12.98 -30.62
CA SER B 64 -3.35 11.96 -30.08
C SER B 64 -3.87 11.37 -28.76
N TYR B 65 -4.97 11.90 -28.20
CA TYR B 65 -5.51 11.31 -26.97
C TYR B 65 -6.07 9.92 -27.24
N ASN B 66 -6.75 9.75 -28.38
CA ASN B 66 -7.23 8.45 -28.79
C ASN B 66 -8.09 7.79 -27.71
N LYS B 67 -9.08 8.54 -27.22
CA LYS B 67 -10.06 8.05 -26.25
C LYS B 67 -9.41 7.40 -25.04
N GLY B 68 -8.18 7.78 -24.70
CA GLY B 68 -7.47 7.25 -23.54
C GLY B 68 -6.21 6.48 -23.86
N ASN B 69 -6.17 5.80 -25.01
CA ASN B 69 -4.97 5.06 -25.39
C ASN B 69 -4.07 5.99 -26.18
N MET B 70 -3.34 6.82 -25.45
CA MET B 70 -2.68 7.99 -26.04
C MET B 70 -1.63 7.58 -27.06
N LEU B 71 -1.55 8.37 -28.13
CA LEU B 71 -0.59 8.17 -29.20
C LEU B 71 0.71 8.89 -28.86
N PRO B 72 1.80 8.62 -29.57
CA PRO B 72 3.12 9.04 -29.08
C PRO B 72 3.29 10.54 -28.87
N ALA B 73 2.63 11.39 -29.63
CA ALA B 73 2.86 12.83 -29.50
C ALA B 73 2.07 13.44 -28.36
N PHE B 74 1.23 12.66 -27.66
CA PHE B 74 0.29 13.28 -26.72
C PHE B 74 0.99 13.98 -25.57
N ASN B 75 1.86 13.26 -24.84
CA ASN B 75 2.45 13.86 -23.64
C ASN B 75 3.11 15.21 -23.95
N ASN B 76 3.89 15.28 -25.03
CA ASN B 76 4.58 16.52 -25.33
C ASN B 76 3.61 17.59 -25.83
N ALA B 77 2.66 17.19 -26.65
CA ALA B 77 1.67 18.15 -27.13
C ALA B 77 0.80 18.66 -25.97
N ALA B 78 0.39 17.75 -25.08
CA ALA B 78 -0.44 18.18 -23.97
C ALA B 78 0.36 19.03 -23.01
N GLN B 79 1.60 18.63 -22.70
CA GLN B 79 2.42 19.46 -21.81
C GLN B 79 2.66 20.82 -22.43
N ALA B 80 2.95 20.87 -23.74
CA ALA B 80 3.20 22.15 -24.36
C ALA B 80 2.01 23.06 -24.20
N TRP B 81 0.81 22.54 -24.51
CA TRP B 81 -0.40 23.33 -24.33
C TRP B 81 -0.64 23.68 -22.86
N ASN B 82 -0.44 22.71 -21.94
CA ASN B 82 -0.68 22.99 -20.52
C ASN B 82 0.21 24.11 -20.02
N HIS B 83 1.49 24.09 -20.38
CA HIS B 83 2.41 25.09 -19.83
C HIS B 83 2.12 26.46 -20.38
N GLU B 84 1.72 26.56 -21.65
CA GLU B 84 1.32 27.84 -22.16
C GLU B 84 0.11 28.36 -21.37
N PHE B 85 -0.90 27.50 -21.19
CA PHE B 85 -2.07 27.86 -20.40
C PHE B 85 -1.67 28.25 -18.98
N PHE B 86 -0.63 27.61 -18.43
CA PHE B 86 -0.19 27.88 -17.08
C PHE B 86 0.36 29.30 -16.94
N TRP B 87 1.36 29.65 -17.76
CA TRP B 87 2.00 30.96 -17.64
C TRP B 87 1.00 32.09 -17.80
N GLU B 88 -0.08 31.84 -18.51
CA GLU B 88 -1.08 32.88 -18.74
C GLU B 88 -2.19 32.82 -17.72
N SER B 89 -2.17 31.81 -16.85
CA SER B 89 -3.09 31.78 -15.73
C SER B 89 -2.67 32.70 -14.61
N ILE B 90 -1.42 33.17 -14.61
CA ILE B 90 -0.87 33.96 -13.52
C ILE B 90 -0.37 35.30 -14.06
N GLN B 91 -0.04 36.19 -13.13
CA GLN B 91 0.31 37.55 -13.48
C GLN B 91 1.01 38.18 -12.29
N PRO B 92 1.93 39.12 -12.53
CA PRO B 92 2.40 39.97 -11.44
C PRO B 92 1.20 40.66 -10.78
N GLY B 93 1.18 40.61 -9.45
CA GLY B 93 0.08 41.25 -8.75
C GLY B 93 -1.25 40.56 -8.95
N GLY B 94 -1.24 39.25 -9.10
CA GLY B 94 -2.48 38.48 -9.15
C GLY B 94 -3.06 38.24 -7.78
N GLY B 95 -3.87 37.19 -7.69
CA GLY B 95 -4.54 36.85 -6.45
C GLY B 95 -5.84 37.60 -6.29
N GLY B 96 -6.27 37.77 -5.04
CA GLY B 96 -7.51 38.49 -4.78
C GLY B 96 -8.69 37.62 -5.17
N LYS B 97 -9.80 38.29 -5.39
CA LYS B 97 -11.03 37.59 -5.72
C LYS B 97 -11.47 37.93 -7.13
N PRO B 98 -12.11 36.99 -7.83
CA PRO B 98 -12.72 37.31 -9.11
C PRO B 98 -13.89 38.27 -8.93
N THR B 99 -14.31 38.88 -10.03
CA THR B 99 -15.39 39.85 -10.05
C THR B 99 -16.39 39.48 -11.13
N GLY B 100 -17.52 40.18 -11.13
CA GLY B 100 -18.45 40.09 -12.24
C GLY B 100 -18.96 38.67 -12.49
N GLU B 101 -19.10 38.34 -13.77
CA GLU B 101 -19.76 37.10 -14.14
C GLU B 101 -19.02 35.87 -13.63
N LEU B 102 -17.69 35.93 -13.54
CA LEU B 102 -16.95 34.77 -13.10
C LEU B 102 -17.20 34.51 -11.60
N LEU B 103 -17.10 35.55 -10.78
CA LEU B 103 -17.41 35.40 -9.37
C LEU B 103 -18.83 34.87 -9.16
N ARG B 104 -19.79 35.38 -9.92
CA ARG B 104 -21.17 34.97 -9.72
C ARG B 104 -21.39 33.53 -10.15
N LEU B 105 -20.68 33.08 -11.19
CA LEU B 105 -20.80 31.68 -11.56
C LEU B 105 -20.13 30.78 -10.52
N ILE B 106 -18.96 31.18 -10.01
CA ILE B 106 -18.29 30.43 -8.97
C ILE B 106 -19.19 30.31 -7.75
N GLU B 107 -19.79 31.43 -7.33
CA GLU B 107 -20.60 31.37 -6.12
C GLU B 107 -21.87 30.58 -6.37
N ARG B 108 -22.34 30.52 -7.61
CA ARG B 108 -23.53 29.72 -7.88
C ARG B 108 -23.22 28.23 -7.78
N ASP B 109 -22.08 27.80 -8.32
CA ASP B 109 -21.73 26.39 -8.43
C ASP B 109 -20.90 25.89 -7.26
N PHE B 110 -20.36 26.78 -6.44
CA PHE B 110 -19.64 26.37 -5.24
C PHE B 110 -20.16 27.04 -3.98
N GLY B 111 -21.25 27.82 -4.06
CA GLY B 111 -21.82 28.43 -2.89
C GLY B 111 -21.13 29.70 -2.44
N SER B 112 -19.83 29.80 -2.64
CA SER B 112 -19.08 30.99 -2.26
C SER B 112 -17.70 30.88 -2.87
N PHE B 113 -16.99 32.02 -2.91
CA PHE B 113 -15.62 31.98 -3.40
C PHE B 113 -14.70 31.26 -2.43
N GLU B 114 -14.93 31.44 -1.12
CA GLU B 114 -14.11 30.78 -0.11
C GLU B 114 -14.26 29.26 -0.17
N GLU B 115 -15.48 28.77 -0.39
CA GLU B 115 -15.69 27.34 -0.55
C GLU B 115 -15.02 26.84 -1.84
N PHE B 116 -15.28 27.51 -2.97
CA PHE B 116 -14.55 27.16 -4.18
C PHE B 116 -13.05 27.13 -3.91
N LEU B 117 -12.55 28.18 -3.24
CA LEU B 117 -11.13 28.28 -2.94
C LEU B 117 -10.65 27.04 -2.21
N GLU B 118 -11.35 26.65 -1.15
CA GLU B 118 -10.93 25.50 -0.36
C GLU B 118 -10.98 24.21 -1.18
N ARG B 119 -12.05 24.01 -1.97
CA ARG B 119 -12.13 22.78 -2.75
C ARG B 119 -11.05 22.73 -3.82
N PHE B 120 -10.72 23.88 -4.39
CA PHE B 120 -9.69 23.91 -5.42
C PHE B 120 -8.32 23.61 -4.83
N LYS B 121 -7.96 24.29 -3.74
CA LYS B 121 -6.66 24.06 -3.13
C LYS B 121 -6.54 22.63 -2.64
N SER B 122 -7.63 22.10 -2.08
CA SER B 122 -7.62 20.73 -1.59
C SER B 122 -7.49 19.73 -2.73
N ALA B 123 -8.20 19.95 -3.84
CA ALA B 123 -8.02 19.07 -4.99
C ALA B 123 -6.58 19.14 -5.49
N ALA B 124 -6.00 20.33 -5.54
CA ALA B 124 -4.63 20.45 -6.07
C ALA B 124 -3.65 19.71 -5.19
N ALA B 125 -3.85 19.75 -3.87
CA ALA B 125 -2.91 19.11 -2.96
C ALA B 125 -3.10 17.60 -2.92
N SER B 126 -4.32 17.12 -3.15
CA SER B 126 -4.57 15.69 -3.04
C SER B 126 -4.34 14.93 -4.36
N ASN B 127 -3.90 15.61 -5.42
CA ASN B 127 -3.62 14.98 -6.70
C ASN B 127 -2.23 14.35 -6.64
N PHE B 128 -2.18 13.05 -6.36
CA PHE B 128 -0.89 12.43 -6.06
C PHE B 128 0.00 12.30 -7.30
N GLY B 129 1.29 12.49 -7.12
CA GLY B 129 2.22 12.34 -8.23
C GLY B 129 2.28 13.57 -9.11
N SER B 130 2.59 13.37 -10.39
CA SER B 130 2.62 14.46 -11.36
C SER B 130 1.24 14.71 -11.93
N GLY B 131 0.88 15.98 -12.06
CA GLY B 131 -0.37 16.30 -12.71
C GLY B 131 -0.74 17.78 -12.58
N TRP B 132 -2.03 18.03 -12.74
CA TRP B 132 -2.58 19.37 -12.88
C TRP B 132 -3.94 19.37 -12.22
N THR B 133 -4.35 20.54 -11.73
CA THR B 133 -5.69 20.77 -11.22
C THR B 133 -6.28 21.95 -11.96
N TRP B 134 -7.56 21.85 -12.29
CA TRP B 134 -8.20 22.76 -13.23
C TRP B 134 -9.51 23.29 -12.68
N LEU B 135 -9.80 24.56 -12.99
CA LEU B 135 -11.17 25.06 -13.05
C LEU B 135 -11.61 25.01 -14.51
N ALA B 136 -12.80 24.47 -14.77
CA ALA B 136 -13.21 24.24 -16.15
C ALA B 136 -14.69 24.51 -16.33
N TYR B 137 -15.07 24.89 -17.56
CA TYR B 137 -16.45 25.14 -17.93
C TYR B 137 -16.93 24.03 -18.85
N LYS B 138 -18.14 23.52 -18.60
CA LYS B 138 -18.71 22.52 -19.49
C LYS B 138 -20.11 22.95 -19.92
N ALA B 139 -20.32 22.95 -21.23
CA ALA B 139 -21.61 23.37 -21.78
C ALA B 139 -22.66 22.29 -21.59
N ASN B 140 -22.31 21.03 -21.79
CA ASN B 140 -23.23 19.89 -21.68
C ASN B 140 -24.41 20.05 -22.64
N LYS B 157 -24.48 22.03 -13.01
CA LYS B 157 -23.34 22.90 -12.68
C LYS B 157 -22.44 23.13 -13.90
N LYS B 158 -22.12 24.40 -14.16
CA LYS B 158 -21.33 24.76 -15.34
C LYS B 158 -19.84 24.78 -15.07
N LEU B 159 -19.42 25.19 -13.88
CA LEU B 159 -18.01 25.13 -13.49
C LEU B 159 -17.73 23.84 -12.75
N VAL B 160 -16.54 23.28 -12.97
CA VAL B 160 -16.11 22.07 -12.28
C VAL B 160 -14.63 22.21 -11.94
N ILE B 161 -14.24 21.58 -10.84
CA ILE B 161 -12.83 21.38 -10.50
C ILE B 161 -12.44 20.00 -11.00
N VAL B 162 -11.30 19.90 -11.68
CA VAL B 162 -10.84 18.68 -12.34
C VAL B 162 -9.39 18.43 -11.95
N LYS B 163 -9.10 17.20 -11.50
CA LYS B 163 -7.72 16.73 -11.32
C LYS B 163 -7.32 15.88 -12.53
N THR B 164 -6.13 16.14 -13.08
CA THR B 164 -5.62 15.25 -14.12
C THR B 164 -4.22 14.78 -13.78
N PRO B 165 -3.87 13.56 -14.18
CA PRO B 165 -2.51 13.05 -14.01
C PRO B 165 -1.61 13.43 -15.16
N ASN B 166 -0.32 13.57 -14.84
CA ASN B 166 0.74 13.72 -15.84
C ASN B 166 0.44 14.84 -16.84
N ALA B 167 0.16 14.52 -18.11
CA ALA B 167 -0.06 15.55 -19.13
C ALA B 167 -1.53 15.75 -19.49
N VAL B 168 -2.46 14.96 -18.94
CA VAL B 168 -3.86 15.06 -19.35
C VAL B 168 -4.42 16.44 -18.98
N ASN B 169 -5.29 16.97 -19.83
CA ASN B 169 -5.97 18.21 -19.52
C ASN B 169 -7.43 18.01 -19.88
N PRO B 170 -8.34 18.91 -19.46
CA PRO B 170 -9.78 18.66 -19.71
C PRO B 170 -10.26 18.92 -21.13
N LEU B 171 -9.44 19.51 -22.02
CA LEU B 171 -9.82 19.57 -23.44
C LEU B 171 -10.23 18.20 -23.95
N VAL B 172 -9.45 17.21 -23.57
CA VAL B 172 -9.66 15.82 -23.92
C VAL B 172 -11.09 15.37 -23.68
N TRP B 173 -11.79 16.00 -22.74
CA TRP B 173 -13.18 15.66 -22.42
C TRP B 173 -14.16 16.75 -22.83
N ASP B 174 -13.74 17.67 -23.69
CA ASP B 174 -14.57 18.74 -24.24
C ASP B 174 -14.94 19.79 -23.20
N TYR B 175 -14.23 19.82 -22.08
CA TYR B 175 -14.31 20.93 -21.14
C TYR B 175 -13.49 22.10 -21.66
N SER B 176 -13.89 23.30 -21.31
CA SER B 176 -13.05 24.45 -21.62
C SER B 176 -12.28 24.82 -20.38
N PRO B 177 -10.96 24.59 -20.32
CA PRO B 177 -10.20 24.98 -19.15
C PRO B 177 -10.22 26.48 -18.94
N LEU B 178 -10.40 26.90 -17.69
CA LEU B 178 -10.38 28.31 -17.34
C LEU B 178 -9.18 28.71 -16.51
N LEU B 179 -8.65 27.77 -15.71
CA LEU B 179 -7.56 28.03 -14.79
C LEU B 179 -6.86 26.70 -14.58
N THR B 180 -5.54 26.74 -14.40
CA THR B 180 -4.85 25.53 -14.01
C THR B 180 -3.74 25.86 -13.04
N ILE B 181 -3.35 24.88 -12.25
CA ILE B 181 -2.09 24.92 -11.52
C ILE B 181 -1.28 23.67 -11.83
N ASP B 182 -0.03 23.88 -12.19
CA ASP B 182 0.94 22.80 -12.39
C ASP B 182 1.40 22.23 -11.05
N THR B 183 1.13 20.95 -10.79
CA THR B 183 1.67 20.36 -9.56
C THR B 183 2.68 19.26 -9.82
N TRP B 184 3.34 19.26 -10.98
CA TRP B 184 4.58 18.52 -11.13
C TRP B 184 5.59 19.08 -10.15
N GLU B 185 6.43 18.20 -9.60
CA GLU B 185 7.42 18.65 -8.61
C GLU B 185 8.29 19.77 -9.14
N HIS B 186 8.55 19.80 -10.46
CA HIS B 186 9.42 20.83 -11.02
C HIS B 186 8.77 22.21 -10.96
N ALA B 187 7.45 22.27 -10.81
CA ALA B 187 6.76 23.54 -10.73
C ALA B 187 7.10 24.31 -9.46
N TYR B 188 7.56 23.62 -8.41
CA TYR B 188 7.69 24.34 -7.15
C TYR B 188 8.86 23.95 -6.26
N TYR B 189 9.73 23.02 -6.68
CA TYR B 189 10.88 22.69 -5.84
C TYR B 189 11.71 23.94 -5.52
N LEU B 190 11.99 24.78 -6.53
CA LEU B 190 12.94 25.87 -6.31
C LEU B 190 12.41 26.97 -5.39
N ASP B 191 11.08 27.06 -5.21
CA ASP B 191 10.47 28.04 -4.32
C ASP B 191 9.94 27.44 -3.03
N PHE B 192 9.46 26.19 -3.06
CA PHE B 192 8.80 25.62 -1.89
C PHE B 192 9.32 24.25 -1.51
N GLU B 193 10.45 23.82 -2.08
CA GLU B 193 10.92 22.43 -1.94
C GLU B 193 9.76 21.46 -2.12
N ASN B 194 9.49 20.61 -1.13
CA ASN B 194 8.40 19.65 -1.22
C ASN B 194 7.07 20.19 -0.68
N ARG B 195 7.00 21.47 -0.30
CA ARG B 195 5.84 21.98 0.41
C ARG B 195 4.77 22.44 -0.58
N ARG B 196 4.15 21.43 -1.21
CA ARG B 196 3.18 21.70 -2.28
C ARG B 196 2.02 22.55 -1.78
N ALA B 197 1.53 22.29 -0.57
CA ALA B 197 0.37 23.02 -0.05
C ALA B 197 0.65 24.50 0.02
N GLU B 198 1.87 24.86 0.45
CA GLU B 198 2.30 26.26 0.53
C GLU B 198 2.37 26.88 -0.86
N TYR B 199 2.95 26.15 -1.81
CA TYR B 199 2.92 26.56 -3.21
C TYR B 199 1.50 26.86 -3.66
N ILE B 200 0.57 25.95 -3.37
CA ILE B 200 -0.81 26.15 -3.79
C ILE B 200 -1.41 27.37 -3.10
N ASN B 201 -1.12 27.54 -1.81
CA ASN B 201 -1.62 28.72 -1.12
C ASN B 201 -1.11 30.01 -1.76
N THR B 202 0.20 30.09 -1.98
CA THR B 202 0.76 31.29 -2.58
C THR B 202 0.22 31.52 -3.98
N PHE B 203 -0.05 30.44 -4.70
CA PHE B 203 -0.57 30.54 -6.04
C PHE B 203 -1.91 31.25 -6.05
N MET B 204 -2.86 30.75 -5.24
CA MET B 204 -4.21 31.30 -5.24
C MET B 204 -4.24 32.68 -4.60
N GLU B 205 -3.27 32.97 -3.76
CA GLU B 205 -3.30 34.24 -3.05
C GLU B 205 -2.58 35.32 -3.83
N LYS B 206 -1.51 35.00 -4.56
CA LYS B 206 -0.66 36.02 -5.13
C LYS B 206 -0.54 36.01 -6.65
N LEU B 207 -0.82 34.90 -7.32
CA LEU B 207 -0.45 34.79 -8.73
C LEU B 207 -1.62 34.65 -9.69
N VAL B 208 -2.72 34.02 -9.29
CA VAL B 208 -3.81 33.73 -10.21
C VAL B 208 -4.29 35.02 -10.85
N SER B 209 -4.44 34.99 -12.18
CA SER B 209 -4.94 36.12 -12.97
C SER B 209 -6.43 35.91 -13.20
N TRP B 210 -7.24 36.42 -12.27
CA TRP B 210 -8.68 36.27 -12.40
C TRP B 210 -9.21 36.97 -13.63
N GLU B 211 -8.61 38.10 -14.01
CA GLU B 211 -8.95 38.77 -15.27
C GLU B 211 -8.84 37.81 -16.45
N THR B 212 -7.74 37.06 -16.54
CA THR B 212 -7.56 36.11 -17.63
C THR B 212 -8.58 34.99 -17.55
N VAL B 213 -8.86 34.51 -16.33
CA VAL B 213 -9.84 33.44 -16.15
C VAL B 213 -11.20 33.90 -16.63
N SER B 214 -11.57 35.15 -16.31
CA SER B 214 -12.82 35.72 -16.79
C SER B 214 -12.86 35.78 -18.31
N THR B 215 -11.77 36.22 -18.94
CA THR B 215 -11.69 36.25 -20.39
C THR B 215 -11.95 34.86 -20.98
N ARG B 216 -11.31 33.83 -20.39
CA ARG B 216 -11.50 32.46 -20.88
C ARG B 216 -12.94 32.00 -20.70
N LEU B 217 -13.61 32.46 -19.64
CA LEU B 217 -14.98 32.04 -19.42
C LEU B 217 -15.91 32.70 -20.44
N GLU B 218 -15.66 33.97 -20.76
CA GLU B 218 -16.39 34.64 -21.83
C GLU B 218 -16.35 33.82 -23.12
N SER B 219 -15.14 33.45 -23.56
CA SER B 219 -15.01 32.66 -24.79
C SER B 219 -15.73 31.32 -24.67
N ALA B 220 -15.63 30.69 -23.50
CA ALA B 220 -16.27 29.39 -23.32
C ALA B 220 -17.79 29.51 -23.48
N ILE B 221 -18.38 30.54 -22.89
CA ILE B 221 -19.81 30.76 -23.01
C ILE B 221 -20.17 31.10 -24.45
N ALA B 222 -19.37 31.96 -25.10
CA ALA B 222 -19.61 32.28 -26.51
C ALA B 222 -19.53 31.04 -27.36
N ARG B 223 -18.55 30.16 -27.11
CA ARG B 223 -18.43 28.93 -27.89
C ARG B 223 -19.65 28.03 -27.69
N ALA B 224 -20.17 27.98 -26.47
CA ALA B 224 -21.37 27.20 -26.20
C ALA B 224 -22.60 27.84 -26.79
N VAL B 225 -22.71 29.17 -26.68
CA VAL B 225 -23.81 29.91 -27.30
C VAL B 225 -23.81 29.68 -28.81
N GLN B 226 -22.66 29.87 -29.46
CA GLN B 226 -22.58 29.64 -30.90
C GLN B 226 -22.84 28.17 -31.25
N ARG B 227 -22.55 27.27 -30.33
CA ARG B 227 -22.78 25.86 -30.56
C ARG B 227 -24.28 25.53 -30.66
N GLU B 228 -25.15 26.41 -30.19
CA GLU B 228 -26.59 26.14 -30.29
C GLU B 228 -27.06 26.16 -31.74
N GLN B 229 -26.58 27.12 -32.53
CA GLN B 229 -26.95 27.22 -33.94
C GLN B 229 -26.68 25.92 -34.71
N GLY C 1 -20.82 -9.48 60.63
CA GLY C 1 -20.20 -8.54 61.54
C GLY C 1 -20.55 -7.09 61.24
N VAL C 2 -19.82 -6.16 61.88
CA VAL C 2 -20.09 -4.73 61.72
C VAL C 2 -19.90 -4.34 60.27
N ILE C 3 -20.94 -3.76 59.67
CA ILE C 3 -20.87 -3.34 58.27
C ILE C 3 -19.97 -2.12 58.16
N THR C 4 -19.42 -1.93 56.96
CA THR C 4 -18.61 -0.77 56.63
C THR C 4 -19.38 0.14 55.68
N ALA C 5 -18.83 1.33 55.47
CA ALA C 5 -19.41 2.28 54.53
C ALA C 5 -19.16 1.90 53.08
N GLY C 6 -18.29 0.93 52.82
CA GLY C 6 -17.89 0.62 51.46
C GLY C 6 -16.90 1.65 50.96
N PHE C 7 -16.67 1.63 49.65
CA PHE C 7 -15.71 2.56 49.06
C PHE C 7 -16.26 3.97 49.12
N GLU C 8 -15.38 4.92 49.39
CA GLU C 8 -15.75 6.32 49.57
C GLU C 8 -15.36 7.13 48.35
N LEU C 9 -16.16 8.16 48.09
CA LEU C 9 -15.87 9.13 47.04
C LEU C 9 -14.86 10.13 47.60
N LYS C 10 -13.60 9.98 47.23
CA LYS C 10 -12.58 10.87 47.71
C LYS C 10 -12.66 12.19 46.93
N PRO C 11 -12.66 13.32 47.60
CA PRO C 11 -12.69 14.61 46.87
C PRO C 11 -11.36 14.87 46.20
N PRO C 12 -11.36 15.69 45.15
CA PRO C 12 -10.09 16.06 44.53
C PRO C 12 -9.24 16.85 45.51
N PRO C 13 -7.91 16.82 45.36
CA PRO C 13 -7.04 17.47 46.36
C PRO C 13 -6.91 18.98 46.18
N TYR C 14 -7.98 19.61 45.70
CA TYR C 14 -8.04 21.06 45.57
C TYR C 14 -9.50 21.46 45.57
N PRO C 15 -9.82 22.72 45.86
CA PRO C 15 -11.21 23.17 45.76
C PRO C 15 -11.74 23.01 44.35
N LEU C 16 -13.06 22.80 44.24
CA LEU C 16 -13.67 22.46 42.95
C LEU C 16 -13.53 23.57 41.92
N ASP C 17 -13.15 24.77 42.32
CA ASP C 17 -12.94 25.87 41.38
C ASP C 17 -11.47 26.20 41.23
N ALA C 18 -10.58 25.36 41.74
CA ALA C 18 -9.16 25.66 41.72
C ALA C 18 -8.51 25.47 40.35
N LEU C 19 -9.15 24.79 39.42
CA LEU C 19 -8.55 24.54 38.11
C LEU C 19 -9.05 25.52 37.05
N GLU C 20 -9.81 26.54 37.46
CA GLU C 20 -10.36 27.49 36.51
C GLU C 20 -9.25 28.44 36.07
N PRO C 21 -9.31 28.94 34.81
CA PRO C 21 -10.34 28.70 33.79
C PRO C 21 -10.14 27.44 32.96
N HIS C 22 -9.12 26.66 33.28
CA HIS C 22 -8.75 25.53 32.44
C HIS C 22 -9.77 24.39 32.53
N MET C 23 -10.18 24.05 33.75
CA MET C 23 -11.24 23.06 33.98
C MET C 23 -12.23 23.69 34.95
N SER C 24 -13.48 23.83 34.51
CA SER C 24 -14.41 24.71 35.20
C SER C 24 -15.01 24.05 36.44
N ARG C 25 -15.45 24.90 37.36
CA ARG C 25 -16.26 24.47 38.49
C ARG C 25 -17.42 23.59 38.03
N GLU C 26 -18.10 24.00 36.95
CA GLU C 26 -19.19 23.20 36.42
C GLU C 26 -18.70 21.83 35.98
N THR C 27 -17.51 21.77 35.37
CA THR C 27 -16.94 20.48 34.96
C THR C 27 -16.72 19.59 36.17
N LEU C 28 -16.10 20.12 37.22
CA LEU C 28 -15.85 19.31 38.39
C LEU C 28 -17.15 18.87 39.05
N ASP C 29 -18.14 19.77 39.16
CA ASP C 29 -19.41 19.40 39.78
C ASP C 29 -20.06 18.24 39.06
N TYR C 30 -19.96 18.22 37.72
CA TYR C 30 -20.56 17.15 36.94
C TYR C 30 -19.67 15.92 36.91
N HIS C 31 -18.40 16.10 36.62
CA HIS C 31 -17.51 14.95 36.42
C HIS C 31 -17.24 14.25 37.75
N TRP C 32 -16.82 15.00 38.76
CA TRP C 32 -16.63 14.42 40.09
C TRP C 32 -17.95 14.21 40.80
N GLY C 33 -18.75 15.28 40.92
CA GLY C 33 -19.94 15.22 41.75
C GLY C 33 -21.04 14.33 41.21
N LYS C 34 -21.03 14.02 39.91
CA LYS C 34 -22.01 13.08 39.38
C LYS C 34 -21.37 11.82 38.82
N HIS C 35 -20.48 11.90 37.84
CA HIS C 35 -19.96 10.67 37.23
C HIS C 35 -19.13 9.86 38.22
N HIS C 36 -18.13 10.50 38.84
CA HIS C 36 -17.29 9.79 39.78
C HIS C 36 -18.12 9.32 40.96
N LYS C 37 -19.02 10.16 41.47
CA LYS C 37 -19.92 9.72 42.52
C LYS C 37 -20.73 8.50 42.08
N THR C 38 -21.23 8.51 40.84
CA THR C 38 -22.08 7.41 40.40
C THR C 38 -21.31 6.10 40.29
N TYR C 39 -20.04 6.16 39.85
CA TYR C 39 -19.24 4.95 39.81
C TYR C 39 -19.11 4.35 41.21
N VAL C 40 -18.81 5.18 42.21
CA VAL C 40 -18.61 4.69 43.57
C VAL C 40 -19.90 4.12 44.13
N GLU C 41 -21.01 4.84 43.97
CA GLU C 41 -22.29 4.31 44.46
C GLU C 41 -22.67 3.02 43.74
N ASN C 42 -22.45 2.94 42.43
CA ASN C 42 -22.83 1.71 41.71
C ASN C 42 -21.95 0.54 42.10
N LEU C 43 -20.65 0.78 42.30
CA LEU C 43 -19.76 -0.25 42.82
C LEU C 43 -20.24 -0.74 44.19
N ASN C 44 -20.48 0.18 45.12
CA ASN C 44 -20.93 -0.22 46.44
C ASN C 44 -22.21 -1.04 46.34
N LYS C 45 -23.11 -0.67 45.43
CA LYS C 45 -24.32 -1.48 45.27
C LYS C 45 -23.98 -2.87 44.77
N GLN C 46 -23.07 -2.97 43.81
CA GLN C 46 -22.74 -4.27 43.23
C GLN C 46 -22.16 -5.24 44.26
N ILE C 47 -21.39 -4.73 45.21
CA ILE C 47 -20.63 -5.58 46.13
C ILE C 47 -21.32 -5.74 47.46
N LEU C 48 -22.53 -5.20 47.61
CA LEU C 48 -23.36 -5.53 48.76
C LEU C 48 -23.52 -7.04 48.86
N GLY C 49 -23.43 -7.55 50.08
CA GLY C 49 -23.52 -8.98 50.23
C GLY C 49 -22.24 -9.74 49.99
N THR C 50 -21.12 -9.04 49.81
CA THR C 50 -19.78 -9.64 49.78
C THR C 50 -18.90 -8.90 50.77
N ASP C 51 -17.64 -9.32 50.84
CA ASP C 51 -16.64 -8.68 51.68
C ASP C 51 -15.58 -7.98 50.85
N LEU C 52 -15.92 -7.59 49.63
CA LEU C 52 -14.96 -6.94 48.75
C LEU C 52 -14.59 -5.54 49.24
N ASP C 53 -15.48 -4.87 49.99
CA ASP C 53 -15.11 -3.54 50.47
C ASP C 53 -13.98 -3.58 51.50
N ALA C 54 -13.63 -4.77 52.03
CA ALA C 54 -12.43 -4.94 52.85
C ALA C 54 -11.16 -5.01 52.02
N LEU C 55 -11.24 -5.09 50.70
CA LEU C 55 -10.07 -5.01 49.85
C LEU C 55 -9.87 -3.57 49.39
N SER C 56 -8.66 -3.28 48.92
CA SER C 56 -8.46 -2.01 48.22
C SER C 56 -9.16 -2.02 46.86
N LEU C 57 -9.40 -0.82 46.33
CA LEU C 57 -9.89 -0.69 44.96
C LEU C 57 -8.97 -1.40 43.99
N GLU C 58 -7.65 -1.17 44.12
CA GLU C 58 -6.66 -1.87 43.29
C GLU C 58 -6.93 -3.36 43.28
N GLU C 59 -7.09 -3.95 44.47
CA GLU C 59 -7.33 -5.39 44.56
C GLU C 59 -8.63 -5.78 43.87
N VAL C 60 -9.69 -5.00 44.06
CA VAL C 60 -10.96 -5.33 43.42
C VAL C 60 -10.84 -5.23 41.90
N VAL C 61 -10.00 -4.31 41.41
CA VAL C 61 -9.80 -4.19 39.97
C VAL C 61 -9.11 -5.44 39.42
N LEU C 62 -8.00 -5.84 40.04
CA LEU C 62 -7.29 -7.03 39.58
C LEU C 62 -8.14 -8.28 39.70
N LEU C 63 -9.03 -8.32 40.68
CA LEU C 63 -9.79 -9.52 40.95
C LEU C 63 -10.90 -9.71 39.94
N SER C 64 -11.39 -8.62 39.35
CA SER C 64 -12.51 -8.70 38.44
C SER C 64 -12.09 -8.48 36.99
N TYR C 65 -10.79 -8.30 36.72
CA TYR C 65 -10.36 -8.20 35.34
C TYR C 65 -10.49 -9.54 34.63
N ASN C 66 -10.10 -10.62 35.31
CA ASN C 66 -10.24 -11.97 34.80
C ASN C 66 -9.64 -12.09 33.39
N LYS C 67 -8.40 -11.63 33.25
CA LYS C 67 -7.62 -11.80 32.03
C LYS C 67 -8.36 -11.30 30.79
N GLY C 68 -9.27 -10.35 30.98
CA GLY C 68 -9.96 -9.72 29.87
C GLY C 68 -11.40 -10.14 29.70
N ASN C 69 -11.88 -11.12 30.46
CA ASN C 69 -13.29 -11.52 30.44
C ASN C 69 -13.86 -11.01 31.76
N MET C 70 -14.21 -9.73 31.77
CA MET C 70 -14.29 -9.01 33.02
C MET C 70 -15.54 -9.38 33.82
N LEU C 71 -15.38 -9.39 35.12
CA LEU C 71 -16.46 -9.72 36.03
C LEU C 71 -17.31 -8.49 36.29
N PRO C 72 -18.54 -8.65 36.81
CA PRO C 72 -19.48 -7.52 36.80
C PRO C 72 -19.00 -6.28 37.52
N ALA C 73 -18.15 -6.40 38.53
CA ALA C 73 -17.78 -5.19 39.26
C ALA C 73 -16.64 -4.43 38.62
N PHE C 74 -16.03 -4.97 37.55
CA PHE C 74 -14.79 -4.38 37.04
C PHE C 74 -14.98 -2.94 36.61
N ASN C 75 -16.05 -2.66 35.86
CA ASN C 75 -16.13 -1.33 35.24
C ASN C 75 -16.25 -0.24 36.29
N ASN C 76 -17.08 -0.46 37.32
CA ASN C 76 -17.23 0.55 38.35
C ASN C 76 -15.99 0.63 39.21
N ALA C 77 -15.39 -0.50 39.55
CA ALA C 77 -14.18 -0.47 40.38
C ALA C 77 -13.06 0.24 39.65
N ALA C 78 -12.85 -0.11 38.38
CA ALA C 78 -11.79 0.52 37.61
C ALA C 78 -12.06 2.00 37.40
N GLN C 79 -13.30 2.37 37.05
CA GLN C 79 -13.58 3.79 36.87
C GLN C 79 -13.38 4.54 38.17
N ALA C 80 -13.82 3.94 39.29
CA ALA C 80 -13.61 4.59 40.58
C ALA C 80 -12.14 4.85 40.81
N TRP C 81 -11.31 3.82 40.58
CA TRP C 81 -9.86 3.99 40.69
C TRP C 81 -9.33 5.05 39.71
N ASN C 82 -9.66 4.89 38.42
CA ASN C 82 -9.18 5.81 37.40
C ASN C 82 -9.46 7.27 37.75
N HIS C 83 -10.69 7.54 38.21
CA HIS C 83 -11.04 8.94 38.42
C HIS C 83 -10.28 9.53 39.59
N GLU C 84 -10.11 8.76 40.65
CA GLU C 84 -9.30 9.24 41.75
C GLU C 84 -7.86 9.46 41.29
N PHE C 85 -7.33 8.53 40.51
CA PHE C 85 -6.00 8.73 39.94
C PHE C 85 -5.99 9.94 39.01
N PHE C 86 -7.10 10.19 38.33
CA PHE C 86 -7.21 11.36 37.45
C PHE C 86 -7.11 12.67 38.23
N TRP C 87 -7.87 12.80 39.32
CA TRP C 87 -7.90 14.08 40.03
C TRP C 87 -6.55 14.39 40.65
N GLU C 88 -5.79 13.36 41.02
CA GLU C 88 -4.48 13.56 41.60
C GLU C 88 -3.40 13.69 40.55
N SER C 89 -3.73 13.46 39.28
CA SER C 89 -2.79 13.73 38.21
C SER C 89 -2.67 15.22 37.88
N ILE C 90 -3.57 16.07 38.39
CA ILE C 90 -3.58 17.48 38.02
C ILE C 90 -3.56 18.34 39.26
N GLN C 91 -3.32 19.63 39.06
CA GLN C 91 -3.18 20.58 40.16
C GLN C 91 -3.41 21.98 39.61
N PRO C 92 -3.82 22.92 40.46
CA PRO C 92 -3.73 24.33 40.08
C PRO C 92 -2.29 24.67 39.73
N GLY C 93 -2.11 25.51 38.72
CA GLY C 93 -0.76 25.87 38.31
C GLY C 93 0.09 24.68 37.90
N GLY C 94 -0.52 23.69 37.25
CA GLY C 94 0.21 22.58 36.68
C GLY C 94 0.86 22.94 35.36
N GLY C 95 1.14 21.89 34.57
CA GLY C 95 1.87 22.09 33.33
C GLY C 95 3.37 22.10 33.54
N GLY C 96 4.08 22.85 32.68
CA GLY C 96 5.51 22.89 32.83
C GLY C 96 6.19 21.62 32.36
N LYS C 97 7.43 21.44 32.79
CA LYS C 97 8.17 20.24 32.44
C LYS C 97 8.45 19.41 33.69
N PRO C 98 8.64 18.10 33.55
CA PRO C 98 9.07 17.30 34.69
C PRO C 98 10.53 17.59 35.01
N THR C 99 10.97 17.07 36.15
CA THR C 99 12.32 17.31 36.63
C THR C 99 12.96 16.00 37.07
N GLY C 100 14.24 16.08 37.40
CA GLY C 100 14.93 14.98 38.05
C GLY C 100 14.85 13.65 37.33
N GLU C 101 14.57 12.59 38.09
CA GLU C 101 14.62 11.24 37.56
C GLU C 101 13.53 11.00 36.52
N LEU C 102 12.36 11.62 36.70
CA LEU C 102 11.27 11.47 35.74
C LEU C 102 11.64 12.08 34.39
N LEU C 103 12.16 13.31 34.39
CA LEU C 103 12.57 13.92 33.14
C LEU C 103 13.67 13.12 32.48
N ARG C 104 14.63 12.62 33.27
CA ARG C 104 15.73 11.85 32.71
C ARG C 104 15.23 10.56 32.05
N LEU C 105 14.27 9.89 32.69
CA LEU C 105 13.71 8.67 32.12
C LEU C 105 12.92 8.96 30.85
N ILE C 106 12.10 10.00 30.89
CA ILE C 106 11.35 10.41 29.69
C ILE C 106 12.31 10.63 28.53
N GLU C 107 13.37 11.39 28.76
CA GLU C 107 14.33 11.67 27.70
C GLU C 107 15.05 10.40 27.25
N ARG C 108 15.16 9.40 28.13
CA ARG C 108 15.82 8.16 27.72
C ARG C 108 14.94 7.34 26.79
N ASP C 109 13.67 7.12 27.16
CA ASP C 109 12.77 6.24 26.44
C ASP C 109 11.96 6.94 25.35
N PHE C 110 12.06 8.26 25.24
CA PHE C 110 11.37 8.99 24.19
C PHE C 110 12.27 9.98 23.46
N GLY C 111 13.53 10.12 23.87
CA GLY C 111 14.51 10.99 23.23
C GLY C 111 14.55 12.38 23.80
N SER C 112 13.39 12.98 24.05
CA SER C 112 13.28 14.31 24.66
C SER C 112 11.90 14.44 25.25
N PHE C 113 11.70 15.48 26.05
CA PHE C 113 10.38 15.71 26.62
C PHE C 113 9.40 16.14 25.53
N GLU C 114 9.88 16.92 24.56
CA GLU C 114 9.04 17.38 23.47
C GLU C 114 8.51 16.20 22.66
N GLU C 115 9.39 15.24 22.31
CA GLU C 115 8.94 14.03 21.61
C GLU C 115 7.92 13.28 22.45
N PHE C 116 8.24 13.05 23.74
CA PHE C 116 7.27 12.41 24.62
C PHE C 116 5.94 13.16 24.60
N LEU C 117 6.00 14.47 24.76
CA LEU C 117 4.78 15.26 24.80
C LEU C 117 3.94 15.05 23.55
N GLU C 118 4.57 15.14 22.37
CA GLU C 118 3.84 14.96 21.12
C GLU C 118 3.23 13.56 21.04
N ARG C 119 4.01 12.53 21.36
CA ARG C 119 3.47 11.18 21.32
C ARG C 119 2.32 11.02 22.31
N PHE C 120 2.44 11.61 23.50
CA PHE C 120 1.38 11.45 24.49
C PHE C 120 0.08 12.09 24.02
N LYS C 121 0.16 13.32 23.54
CA LYS C 121 -1.04 14.00 23.07
C LYS C 121 -1.63 13.27 21.89
N SER C 122 -0.77 12.76 21.00
CA SER C 122 -1.25 12.03 19.82
C SER C 122 -1.95 10.73 20.21
N ALA C 123 -1.39 10.01 21.19
CA ALA C 123 -2.09 8.81 21.67
C ALA C 123 -3.43 9.20 22.26
N ALA C 124 -3.45 10.23 23.10
CA ALA C 124 -4.69 10.66 23.74
C ALA C 124 -5.73 11.06 22.70
N ALA C 125 -5.31 11.74 21.63
CA ALA C 125 -6.28 12.18 20.64
C ALA C 125 -6.78 11.03 19.78
N SER C 126 -5.94 10.03 19.52
CA SER C 126 -6.27 8.98 18.56
C SER C 126 -7.02 7.81 19.18
N ASN C 127 -7.31 7.87 20.47
CA ASN C 127 -7.98 6.77 21.18
C ASN C 127 -9.50 6.93 21.03
N PHE C 128 -10.07 6.19 20.08
CA PHE C 128 -11.45 6.45 19.67
C PHE C 128 -12.45 6.03 20.73
N GLY C 129 -13.54 6.80 20.84
CA GLY C 129 -14.59 6.51 21.81
C GLY C 129 -14.13 6.78 23.23
N SER C 130 -14.75 6.08 24.19
CA SER C 130 -14.45 6.35 25.59
C SER C 130 -13.20 5.60 26.02
N GLY C 131 -12.34 6.28 26.77
CA GLY C 131 -11.16 5.61 27.29
C GLY C 131 -10.20 6.58 27.97
N TRP C 132 -8.97 6.09 28.16
CA TRP C 132 -7.93 6.80 28.89
C TRP C 132 -6.60 6.61 28.19
N THR C 133 -5.70 7.56 28.42
CA THR C 133 -4.33 7.47 27.95
C THR C 133 -3.39 7.68 29.14
N TRP C 134 -2.33 6.88 29.20
CA TRP C 134 -1.51 6.73 30.39
C TRP C 134 -0.05 6.86 30.04
N LEU C 135 0.71 7.50 30.93
CA LEU C 135 2.12 7.20 31.08
C LEU C 135 2.23 6.15 32.19
N ALA C 136 2.94 5.06 31.93
CA ALA C 136 3.06 4.00 32.91
C ALA C 136 4.50 3.52 32.95
N TYR C 137 4.85 2.88 34.07
CA TYR C 137 6.18 2.34 34.29
C TYR C 137 6.09 0.83 34.39
N LYS C 138 6.94 0.12 33.66
CA LYS C 138 6.98 -1.34 33.71
C LYS C 138 8.36 -1.78 34.18
N ALA C 139 8.37 -2.67 35.16
CA ALA C 139 9.59 -3.16 35.79
C ALA C 139 9.99 -4.54 35.28
N ASN C 140 9.08 -5.51 35.40
CA ASN C 140 9.29 -6.93 35.10
C ASN C 140 10.32 -7.22 34.00
N LYS C 157 13.42 -0.06 27.63
CA LYS C 157 12.45 0.99 27.88
C LYS C 157 11.58 0.69 29.10
N LYS C 158 11.60 1.58 30.09
CA LYS C 158 10.79 1.41 31.29
C LYS C 158 9.49 2.22 31.27
N LEU C 159 9.46 3.36 30.60
CA LEU C 159 8.24 4.15 30.48
C LEU C 159 7.54 3.79 29.18
N VAL C 160 6.21 3.78 29.21
CA VAL C 160 5.39 3.43 28.06
C VAL C 160 4.13 4.29 28.09
N ILE C 161 3.60 4.56 26.90
CA ILE C 161 2.30 5.21 26.76
C ILE C 161 1.29 4.13 26.40
N VAL C 162 0.18 4.10 27.14
CA VAL C 162 -0.84 3.08 27.01
C VAL C 162 -2.14 3.77 26.66
N LYS C 163 -2.84 3.25 25.67
CA LYS C 163 -4.22 3.63 25.42
C LYS C 163 -5.10 2.52 25.95
N THR C 164 -6.10 2.88 26.74
CA THR C 164 -7.02 1.85 27.17
C THR C 164 -8.42 2.27 26.76
N PRO C 165 -9.31 1.31 26.50
CA PRO C 165 -10.72 1.62 26.26
C PRO C 165 -11.53 1.62 27.54
N ASN C 166 -12.53 2.49 27.57
CA ASN C 166 -13.60 2.48 28.56
C ASN C 166 -13.03 2.61 29.98
N ALA C 167 -13.07 1.51 30.75
CA ALA C 167 -12.65 1.54 32.14
C ALA C 167 -11.31 0.85 32.36
N VAL C 168 -10.73 0.25 31.33
CA VAL C 168 -9.51 -0.52 31.51
C VAL C 168 -8.36 0.40 31.87
N ASN C 169 -7.41 -0.11 32.65
CA ASN C 169 -6.24 0.67 33.03
C ASN C 169 -5.05 -0.27 33.12
N PRO C 170 -3.82 0.26 33.12
CA PRO C 170 -2.65 -0.61 32.96
C PRO C 170 -2.32 -1.48 34.17
N LEU C 171 -2.93 -1.23 35.35
CA LEU C 171 -2.65 -2.09 36.51
C LEU C 171 -2.85 -3.55 36.15
N VAL C 172 -3.93 -3.82 35.43
CA VAL C 172 -4.37 -5.08 34.87
C VAL C 172 -3.27 -5.84 34.13
N TRP C 173 -2.23 -5.15 33.66
CA TRP C 173 -1.11 -5.75 32.96
C TRP C 173 0.20 -5.64 33.74
N ASP C 174 0.12 -5.28 35.03
CA ASP C 174 1.25 -5.15 35.94
C ASP C 174 2.13 -3.94 35.65
N TYR C 175 1.63 -2.98 34.87
CA TYR C 175 2.27 -1.68 34.78
C TYR C 175 1.94 -0.84 36.00
N SER C 176 2.82 0.11 36.31
CA SER C 176 2.54 1.06 37.37
C SER C 176 2.15 2.38 36.71
N PRO C 177 0.90 2.81 36.81
CA PRO C 177 0.50 4.04 36.11
C PRO C 177 1.04 5.27 36.83
N LEU C 178 1.55 6.22 36.03
CA LEU C 178 2.11 7.44 36.59
C LEU C 178 1.28 8.67 36.30
N LEU C 179 0.65 8.71 35.13
CA LEU C 179 -0.14 9.84 34.68
C LEU C 179 -1.32 9.28 33.89
N THR C 180 -2.48 9.92 34.01
CA THR C 180 -3.56 9.57 33.10
C THR C 180 -4.32 10.82 32.69
N ILE C 181 -4.94 10.74 31.51
CA ILE C 181 -5.92 11.72 31.06
C ILE C 181 -7.19 10.97 30.69
N ASP C 182 -8.31 11.44 31.21
CA ASP C 182 -9.64 10.91 30.92
C ASP C 182 -10.10 11.45 29.57
N THR C 183 -10.37 10.58 28.60
CA THR C 183 -10.86 11.10 27.31
C THR C 183 -12.26 10.59 26.98
N TRP C 184 -12.98 10.10 27.99
CA TRP C 184 -14.43 10.05 27.94
C TRP C 184 -14.99 11.44 27.65
N GLU C 185 -16.04 11.49 26.82
CA GLU C 185 -16.62 12.76 26.42
C GLU C 185 -17.03 13.60 27.63
N HIS C 186 -17.42 12.96 28.75
CA HIS C 186 -17.84 13.78 29.88
C HIS C 186 -16.68 14.52 30.53
N ALA C 187 -15.44 14.15 30.20
CA ALA C 187 -14.30 14.82 30.81
C ALA C 187 -14.06 16.21 30.25
N TYR C 188 -14.62 16.55 29.08
CA TYR C 188 -14.27 17.81 28.48
C TYR C 188 -15.41 18.55 27.75
N TYR C 189 -16.61 17.98 27.67
CA TYR C 189 -17.68 18.70 26.97
C TYR C 189 -17.87 20.09 27.55
N LEU C 190 -17.96 20.20 28.88
CA LEU C 190 -18.33 21.47 29.49
C LEU C 190 -17.25 22.55 29.37
N ASP C 191 -16.00 22.18 29.08
CA ASP C 191 -14.98 23.17 28.81
C ASP C 191 -14.57 23.25 27.35
N PHE C 192 -14.79 22.18 26.56
CA PHE C 192 -14.23 22.14 25.22
C PHE C 192 -15.18 21.61 24.15
N GLU C 193 -16.45 21.38 24.50
CA GLU C 193 -17.39 20.68 23.63
C GLU C 193 -16.74 19.42 23.06
N ASN C 194 -16.69 19.28 21.73
CA ASN C 194 -16.11 18.11 21.08
C ASN C 194 -14.64 18.27 20.79
N ARG C 195 -14.03 19.40 21.16
CA ARG C 195 -12.66 19.72 20.75
C ARG C 195 -11.66 19.09 21.72
N ARG C 196 -11.53 17.77 21.58
CA ARG C 196 -10.72 16.97 22.51
C ARG C 196 -9.24 17.33 22.42
N ALA C 197 -8.74 17.60 21.22
CA ALA C 197 -7.33 17.96 21.05
C ALA C 197 -6.99 19.20 21.88
N GLU C 198 -7.92 20.14 21.97
CA GLU C 198 -7.72 21.36 22.73
C GLU C 198 -7.74 21.06 24.21
N TYR C 199 -8.67 20.19 24.62
CA TYR C 199 -8.67 19.68 25.98
C TYR C 199 -7.33 19.03 26.33
N ILE C 200 -6.81 18.21 25.41
CA ILE C 200 -5.54 17.51 25.64
C ILE C 200 -4.40 18.50 25.73
N ASN C 201 -4.44 19.55 24.92
CA ASN C 201 -3.40 20.58 24.95
C ASN C 201 -3.42 21.36 26.25
N THR C 202 -4.62 21.80 26.67
CA THR C 202 -4.73 22.54 27.94
C THR C 202 -4.29 21.68 29.10
N PHE C 203 -4.63 20.40 29.08
CA PHE C 203 -4.30 19.50 30.18
C PHE C 203 -2.78 19.43 30.35
N MET C 204 -2.04 19.24 29.26
CA MET C 204 -0.60 19.08 29.35
C MET C 204 0.10 20.40 29.64
N GLU C 205 -0.52 21.52 29.31
CA GLU C 205 0.14 22.79 29.46
C GLU C 205 -0.19 23.46 30.80
N LYS C 206 -1.38 23.22 31.34
CA LYS C 206 -1.86 23.96 32.48
C LYS C 206 -2.23 23.12 33.70
N LEU C 207 -2.40 21.80 33.56
CA LEU C 207 -3.03 21.01 34.62
C LEU C 207 -2.15 19.89 35.17
N VAL C 208 -1.34 19.24 34.34
CA VAL C 208 -0.57 18.07 34.79
C VAL C 208 0.28 18.43 36.00
N SER C 209 0.27 17.56 37.00
CA SER C 209 1.07 17.72 38.21
C SER C 209 2.29 16.81 38.08
N TRP C 210 3.37 17.34 37.52
CA TRP C 210 4.56 16.51 37.34
C TRP C 210 5.15 16.08 38.68
N GLU C 211 4.98 16.89 39.72
CA GLU C 211 5.34 16.47 41.06
C GLU C 211 4.69 15.13 41.40
N THR C 212 3.37 15.05 41.26
CA THR C 212 2.66 13.81 41.56
C THR C 212 3.20 12.66 40.73
N VAL C 213 3.40 12.90 39.43
CA VAL C 213 3.91 11.87 38.53
C VAL C 213 5.28 11.40 39.02
N SER C 214 6.13 12.33 39.45
CA SER C 214 7.46 11.97 39.93
C SER C 214 7.37 11.17 41.22
N THR C 215 6.39 11.50 42.08
CA THR C 215 6.23 10.72 43.31
C THR C 215 5.82 9.29 42.98
N ARG C 216 4.86 9.12 42.07
CA ARG C 216 4.41 7.79 41.68
C ARG C 216 5.53 6.98 41.05
N LEU C 217 6.41 7.65 40.30
CA LEU C 217 7.55 6.96 39.73
C LEU C 217 8.47 6.41 40.80
N GLU C 218 8.74 7.22 41.84
CA GLU C 218 9.57 6.75 42.95
C GLU C 218 8.96 5.52 43.61
N SER C 219 7.66 5.54 43.86
CA SER C 219 6.99 4.35 44.40
C SER C 219 7.12 3.17 43.45
N ALA C 220 6.97 3.41 42.14
CA ALA C 220 7.04 2.29 41.19
C ALA C 220 8.43 1.69 41.16
N ILE C 221 9.46 2.52 41.27
CA ILE C 221 10.83 2.02 41.29
C ILE C 221 11.12 1.30 42.60
N ALA C 222 10.59 1.83 43.71
CA ALA C 222 10.78 1.17 45.00
C ALA C 222 10.05 -0.18 45.04
N ARG C 223 8.86 -0.27 44.45
CA ARG C 223 8.16 -1.55 44.39
C ARG C 223 8.97 -2.55 43.57
N ALA C 224 9.56 -2.11 42.46
CA ALA C 224 10.35 -3.01 41.63
C ALA C 224 11.62 -3.46 42.35
N VAL C 225 12.24 -2.55 43.10
CA VAL C 225 13.45 -2.89 43.81
C VAL C 225 13.18 -3.89 44.93
N GLN C 226 12.09 -3.68 45.68
CA GLN C 226 11.73 -4.65 46.72
C GLN C 226 11.39 -6.01 46.13
N ARG C 227 10.81 -6.03 44.92
CA ARG C 227 10.44 -7.29 44.29
C ARG C 227 11.66 -8.18 44.06
N GLU C 228 12.82 -7.57 43.81
CA GLU C 228 14.05 -8.35 43.69
C GLU C 228 14.39 -9.07 45.00
N GLN C 229 14.32 -8.35 46.11
CA GLN C 229 14.64 -8.90 47.43
C GLN C 229 13.77 -10.11 47.81
N GLY D 1 -10.05 13.15 -12.85
CA GLY D 1 -11.20 13.77 -13.47
C GLY D 1 -11.93 14.81 -12.61
N VAL D 2 -13.18 15.08 -12.99
CA VAL D 2 -14.03 15.98 -12.22
C VAL D 2 -14.17 15.45 -10.80
N ILE D 3 -14.01 16.34 -9.81
CA ILE D 3 -14.01 15.98 -8.40
C ILE D 3 -15.42 15.99 -7.86
N THR D 4 -15.68 15.10 -6.89
CA THR D 4 -16.89 15.06 -6.09
C THR D 4 -16.76 16.01 -4.90
N ALA D 5 -17.91 16.36 -4.33
CA ALA D 5 -17.95 17.00 -3.02
C ALA D 5 -17.83 15.98 -1.88
N GLY D 6 -17.58 14.71 -2.21
CA GLY D 6 -17.45 13.66 -1.22
C GLY D 6 -18.80 13.27 -0.63
N PHE D 7 -18.76 12.76 0.60
CA PHE D 7 -19.99 12.39 1.27
C PHE D 7 -20.63 13.62 1.92
N GLU D 8 -21.96 13.66 1.86
CA GLU D 8 -22.71 14.83 2.30
C GLU D 8 -23.15 14.63 3.74
N LEU D 9 -23.49 15.75 4.37
CA LEU D 9 -24.14 15.76 5.68
C LEU D 9 -25.63 15.99 5.42
N LYS D 10 -26.41 14.96 5.55
CA LYS D 10 -27.84 15.05 5.33
C LYS D 10 -28.49 15.63 6.58
N PRO D 11 -29.37 16.62 6.45
CA PRO D 11 -30.09 17.11 7.62
C PRO D 11 -31.04 16.04 8.15
N PRO D 12 -31.38 16.10 9.43
CA PRO D 12 -32.43 15.24 9.93
C PRO D 12 -33.72 15.51 9.20
N PRO D 13 -34.59 14.51 9.07
CA PRO D 13 -35.84 14.69 8.32
C PRO D 13 -36.93 15.44 9.08
N TYR D 14 -36.56 16.42 9.92
CA TYR D 14 -37.50 17.27 10.63
C TYR D 14 -36.74 18.51 11.07
N PRO D 15 -37.43 19.61 11.40
CA PRO D 15 -36.72 20.78 11.93
C PRO D 15 -35.95 20.42 13.18
N LEU D 16 -34.91 21.21 13.46
CA LEU D 16 -33.97 20.88 14.54
C LEU D 16 -34.61 20.97 15.93
N ASP D 17 -35.77 21.59 16.04
CA ASP D 17 -36.49 21.68 17.30
C ASP D 17 -37.74 20.81 17.33
N ALA D 18 -38.01 20.08 16.25
CA ALA D 18 -39.24 19.29 16.17
C ALA D 18 -39.32 18.20 17.22
N LEU D 19 -38.20 17.80 17.83
CA LEU D 19 -38.24 16.72 18.82
C LEU D 19 -38.41 17.20 20.26
N GLU D 20 -38.57 18.50 20.47
CA GLU D 20 -38.66 19.05 21.81
C GLU D 20 -39.99 18.67 22.47
N PRO D 21 -40.00 18.53 23.80
CA PRO D 21 -38.89 18.70 24.75
C PRO D 21 -38.01 17.48 24.95
N HIS D 22 -38.27 16.40 24.21
CA HIS D 22 -37.61 15.14 24.49
C HIS D 22 -36.15 15.15 24.06
N MET D 23 -35.86 15.77 22.92
CA MET D 23 -34.48 16.00 22.49
C MET D 23 -34.40 17.44 22.01
N SER D 24 -33.59 18.26 22.70
CA SER D 24 -33.63 19.70 22.57
C SER D 24 -33.00 20.19 21.26
N ARG D 25 -33.34 21.42 20.89
CA ARG D 25 -32.67 22.08 19.78
C ARG D 25 -31.17 22.15 20.02
N GLU D 26 -30.76 22.40 21.27
CA GLU D 26 -29.34 22.46 21.59
C GLU D 26 -28.67 21.12 21.36
N THR D 27 -29.37 20.04 21.71
CA THR D 27 -28.86 18.70 21.41
C THR D 27 -28.67 18.51 19.91
N LEU D 28 -29.68 18.88 19.13
CA LEU D 28 -29.53 18.71 17.68
C LEU D 28 -28.41 19.58 17.12
N ASP D 29 -28.33 20.84 17.56
CA ASP D 29 -27.23 21.70 17.12
C ASP D 29 -25.88 21.08 17.44
N TYR D 30 -25.76 20.44 18.59
CA TYR D 30 -24.47 19.87 18.96
C TYR D 30 -24.27 18.50 18.34
N HIS D 31 -25.26 17.63 18.47
CA HIS D 31 -25.08 16.26 18.01
C HIS D 31 -25.05 16.21 16.48
N TRP D 32 -26.05 16.80 15.82
CA TRP D 32 -26.01 16.88 14.36
C TRP D 32 -24.99 17.90 13.90
N GLY D 33 -25.16 19.16 14.31
CA GLY D 33 -24.39 20.27 13.77
C GLY D 33 -22.90 20.22 14.07
N LYS D 34 -22.48 19.46 15.08
CA LYS D 34 -21.04 19.38 15.32
C LYS D 34 -20.50 17.96 15.20
N HIS D 35 -21.01 17.01 15.98
CA HIS D 35 -20.44 15.68 15.97
C HIS D 35 -20.64 14.99 14.63
N HIS D 36 -21.89 14.96 14.15
CA HIS D 36 -22.15 14.30 12.87
C HIS D 36 -21.44 15.04 11.74
N LYS D 37 -21.51 16.37 11.73
CA LYS D 37 -20.77 17.15 10.73
C LYS D 37 -19.29 16.79 10.76
N THR D 38 -18.72 16.62 11.95
CA THR D 38 -17.30 16.35 12.04
C THR D 38 -16.96 14.97 11.50
N TYR D 39 -17.80 13.97 11.79
CA TYR D 39 -17.57 12.65 11.23
C TYR D 39 -17.52 12.69 9.70
N VAL D 40 -18.46 13.41 9.08
CA VAL D 40 -18.47 13.49 7.62
C VAL D 40 -17.26 14.26 7.12
N GLU D 41 -17.02 15.46 7.68
CA GLU D 41 -15.82 16.21 7.28
C GLU D 41 -14.55 15.39 7.44
N ASN D 42 -14.42 14.68 8.55
CA ASN D 42 -13.19 13.91 8.77
C ASN D 42 -13.08 12.71 7.83
N LEU D 43 -14.21 12.12 7.45
CA LEU D 43 -14.19 11.04 6.47
C LEU D 43 -13.73 11.58 5.11
N ASN D 44 -14.27 12.71 4.69
CA ASN D 44 -13.86 13.29 3.42
C ASN D 44 -12.37 13.59 3.41
N LYS D 45 -11.82 14.09 4.53
CA LYS D 45 -10.37 14.34 4.58
C LYS D 45 -9.59 13.04 4.41
N GLN D 46 -9.98 12.00 5.15
CA GLN D 46 -9.27 10.73 5.10
C GLN D 46 -9.19 10.17 3.69
N ILE D 47 -10.28 10.31 2.91
CA ILE D 47 -10.39 9.62 1.63
C ILE D 47 -10.01 10.51 0.47
N LEU D 48 -9.57 11.74 0.73
CA LEU D 48 -8.96 12.54 -0.32
C LEU D 48 -7.79 11.77 -0.94
N GLY D 49 -7.58 12.00 -2.23
CA GLY D 49 -6.55 11.26 -2.93
C GLY D 49 -6.89 9.82 -3.27
N THR D 50 -8.12 9.38 -3.03
CA THR D 50 -8.63 8.08 -3.43
C THR D 50 -9.96 8.28 -4.12
N ASP D 51 -10.53 7.20 -4.65
CA ASP D 51 -11.83 7.25 -5.29
C ASP D 51 -12.92 6.58 -4.46
N LEU D 52 -12.73 6.52 -3.13
CA LEU D 52 -13.75 5.90 -2.27
C LEU D 52 -15.05 6.68 -2.29
N ASP D 53 -15.02 7.98 -2.58
CA ASP D 53 -16.26 8.74 -2.58
C ASP D 53 -17.23 8.25 -3.66
N ALA D 54 -16.74 7.48 -4.65
CA ALA D 54 -17.62 6.90 -5.65
C ALA D 54 -18.48 5.77 -5.10
N LEU D 55 -18.09 5.19 -3.96
CA LEU D 55 -18.87 4.14 -3.33
C LEU D 55 -19.93 4.71 -2.41
N SER D 56 -20.98 3.93 -2.17
CA SER D 56 -21.92 4.27 -1.12
C SER D 56 -21.26 4.20 0.25
N LEU D 57 -21.83 4.93 1.20
CA LEU D 57 -21.31 4.87 2.58
C LEU D 57 -21.25 3.42 3.08
N GLU D 58 -22.30 2.64 2.82
CA GLU D 58 -22.30 1.22 3.17
C GLU D 58 -21.04 0.53 2.67
N GLU D 59 -20.71 0.73 1.39
CA GLU D 59 -19.57 0.02 0.82
C GLU D 59 -18.26 0.45 1.48
N VAL D 60 -18.14 1.72 1.81
CA VAL D 60 -16.94 2.17 2.51
C VAL D 60 -16.87 1.57 3.90
N VAL D 61 -18.01 1.40 4.56
CA VAL D 61 -18.03 0.77 5.87
C VAL D 61 -17.57 -0.68 5.77
N LEU D 62 -18.19 -1.47 4.88
CA LEU D 62 -17.82 -2.88 4.76
C LEU D 62 -16.39 -3.04 4.29
N LEU D 63 -15.94 -2.15 3.41
CA LEU D 63 -14.59 -2.24 2.88
C LEU D 63 -13.55 -1.99 3.96
N SER D 64 -13.80 -1.04 4.86
CA SER D 64 -12.78 -0.72 5.84
C SER D 64 -12.96 -1.48 7.16
N TYR D 65 -14.01 -2.29 7.31
CA TYR D 65 -14.09 -3.11 8.51
C TYR D 65 -12.99 -4.18 8.50
N ASN D 66 -12.64 -4.69 7.33
CA ASN D 66 -11.51 -5.61 7.16
C ASN D 66 -11.58 -6.75 8.18
N LYS D 67 -12.74 -7.40 8.23
CA LYS D 67 -12.96 -8.56 9.10
C LYS D 67 -12.54 -8.30 10.55
N GLY D 68 -12.66 -7.05 11.01
CA GLY D 68 -12.42 -6.70 12.40
C GLY D 68 -11.12 -5.97 12.67
N ASN D 69 -10.16 -6.04 11.75
CA ASN D 69 -8.92 -5.26 11.87
C ASN D 69 -9.11 -3.97 11.07
N MET D 70 -9.77 -3.00 11.70
CA MET D 70 -10.36 -1.89 10.95
C MET D 70 -9.31 -0.98 10.34
N LEU D 71 -9.63 -0.48 9.16
CA LEU D 71 -8.79 0.40 8.37
C LEU D 71 -9.13 1.85 8.69
N PRO D 72 -8.23 2.79 8.38
CA PRO D 72 -8.36 4.15 8.93
C PRO D 72 -9.72 4.83 8.75
N ALA D 73 -10.39 4.64 7.62
CA ALA D 73 -11.62 5.38 7.38
C ALA D 73 -12.82 4.79 8.11
N PHE D 74 -12.66 3.65 8.78
CA PHE D 74 -13.83 2.93 9.27
C PHE D 74 -14.62 3.75 10.26
N ASN D 75 -13.96 4.26 11.32
CA ASN D 75 -14.73 4.92 12.39
C ASN D 75 -15.56 6.08 11.84
N ASN D 76 -14.95 6.94 11.04
CA ASN D 76 -15.71 8.07 10.49
C ASN D 76 -16.78 7.59 9.50
N ALA D 77 -16.47 6.60 8.67
CA ALA D 77 -17.49 6.15 7.73
C ALA D 77 -18.65 5.49 8.46
N ALA D 78 -18.34 4.65 9.45
CA ALA D 78 -19.41 4.00 10.20
C ALA D 78 -20.20 5.02 11.03
N GLN D 79 -19.51 5.95 11.72
CA GLN D 79 -20.23 6.96 12.48
C GLN D 79 -21.12 7.83 11.58
N ALA D 80 -20.64 8.18 10.37
CA ALA D 80 -21.48 8.94 9.44
C ALA D 80 -22.73 8.16 9.07
N TRP D 81 -22.55 6.89 8.70
CA TRP D 81 -23.71 6.04 8.42
C TRP D 81 -24.59 5.89 9.66
N ASN D 82 -23.99 5.61 10.82
CA ASN D 82 -24.79 5.41 12.03
C ASN D 82 -25.68 6.62 12.33
N HIS D 83 -25.16 7.84 12.14
CA HIS D 83 -25.93 9.00 12.59
C HIS D 83 -27.06 9.33 11.65
N GLU D 84 -26.84 9.22 10.33
CA GLU D 84 -27.96 9.33 9.42
C GLU D 84 -29.03 8.30 9.77
N PHE D 85 -28.62 7.07 10.05
CA PHE D 85 -29.58 6.04 10.46
C PHE D 85 -30.29 6.42 11.76
N PHE D 86 -29.54 6.95 12.74
CA PHE D 86 -30.11 7.50 13.97
C PHE D 86 -31.20 8.54 13.71
N TRP D 87 -30.89 9.59 12.90
CA TRP D 87 -31.86 10.68 12.77
C TRP D 87 -33.14 10.19 12.12
N GLU D 88 -33.05 9.16 11.28
CA GLU D 88 -34.24 8.67 10.61
C GLU D 88 -34.93 7.56 11.38
N SER D 89 -34.30 7.06 12.45
CA SER D 89 -34.98 6.15 13.37
C SER D 89 -36.01 6.85 14.25
N ILE D 90 -35.99 8.18 14.31
CA ILE D 90 -36.86 8.93 15.21
C ILE D 90 -37.68 9.95 14.45
N GLN D 91 -38.71 10.46 15.12
CA GLN D 91 -39.66 11.34 14.48
C GLN D 91 -40.40 12.13 15.54
N PRO D 92 -40.85 13.34 15.24
CA PRO D 92 -41.82 14.01 16.13
C PRO D 92 -43.02 13.09 16.34
N GLY D 93 -43.59 13.14 17.55
CA GLY D 93 -44.72 12.28 17.87
C GLY D 93 -44.47 10.80 17.68
N GLY D 94 -43.25 10.35 17.93
CA GLY D 94 -42.89 8.95 17.83
C GLY D 94 -43.29 8.19 19.09
N GLY D 95 -42.65 7.04 19.28
CA GLY D 95 -43.06 6.14 20.35
C GLY D 95 -44.23 5.26 19.95
N GLY D 96 -44.94 4.79 20.97
CA GLY D 96 -46.06 3.89 20.76
C GLY D 96 -45.58 2.47 20.49
N LYS D 97 -46.47 1.68 19.86
CA LYS D 97 -46.18 0.30 19.53
C LYS D 97 -46.14 0.09 18.03
N PRO D 98 -45.28 -0.79 17.54
CA PRO D 98 -45.31 -1.15 16.12
C PRO D 98 -46.61 -1.86 15.76
N THR D 99 -46.84 -2.00 14.45
CA THR D 99 -48.05 -2.63 13.94
C THR D 99 -47.68 -3.54 12.78
N GLY D 100 -48.67 -4.29 12.31
CA GLY D 100 -48.51 -5.10 11.12
C GLY D 100 -47.37 -6.09 11.25
N GLU D 101 -46.65 -6.28 10.13
CA GLU D 101 -45.64 -7.34 10.06
C GLU D 101 -44.55 -7.15 11.10
N LEU D 102 -44.12 -5.89 11.33
CA LEU D 102 -43.07 -5.66 12.32
C LEU D 102 -43.51 -6.13 13.71
N LEU D 103 -44.76 -5.87 14.08
CA LEU D 103 -45.24 -6.31 15.38
C LEU D 103 -45.22 -7.83 15.50
N ARG D 104 -45.75 -8.53 14.49
CA ARG D 104 -45.88 -9.97 14.65
C ARG D 104 -44.52 -10.66 14.59
N LEU D 105 -43.55 -10.04 13.93
CA LEU D 105 -42.20 -10.58 13.97
C LEU D 105 -41.55 -10.33 15.34
N ILE D 106 -41.84 -9.17 15.93
CA ILE D 106 -41.40 -8.90 17.30
C ILE D 106 -42.04 -9.89 18.25
N GLU D 107 -43.35 -10.10 18.11
CA GLU D 107 -44.04 -11.03 19.01
C GLU D 107 -43.57 -12.46 18.79
N ARG D 108 -43.08 -12.79 17.60
CA ARG D 108 -42.62 -14.15 17.36
C ARG D 108 -41.23 -14.39 17.92
N ASP D 109 -40.31 -13.45 17.72
CA ASP D 109 -38.94 -13.65 18.15
C ASP D 109 -38.66 -13.14 19.55
N PHE D 110 -39.63 -12.48 20.19
CA PHE D 110 -39.47 -11.98 21.55
C PHE D 110 -40.66 -12.30 22.43
N GLY D 111 -41.69 -12.95 21.91
CA GLY D 111 -42.88 -13.30 22.67
C GLY D 111 -43.98 -12.25 22.69
N SER D 112 -43.59 -11.00 22.93
CA SER D 112 -44.52 -9.89 23.00
C SER D 112 -43.72 -8.63 22.79
N PHE D 113 -44.42 -7.54 22.46
CA PHE D 113 -43.69 -6.29 22.30
C PHE D 113 -43.12 -5.82 23.62
N GLU D 114 -43.89 -5.97 24.70
CA GLU D 114 -43.42 -5.56 26.02
C GLU D 114 -42.15 -6.30 26.40
N GLU D 115 -42.09 -7.61 26.12
CA GLU D 115 -40.87 -8.37 26.33
C GLU D 115 -39.72 -7.76 25.54
N PHE D 116 -39.93 -7.57 24.23
CA PHE D 116 -38.90 -6.95 23.39
C PHE D 116 -38.48 -5.60 23.94
N LEU D 117 -39.45 -4.78 24.32
CA LEU D 117 -39.14 -3.43 24.80
C LEU D 117 -38.14 -3.49 25.96
N GLU D 118 -38.39 -4.38 26.92
CA GLU D 118 -37.56 -4.45 28.10
C GLU D 118 -36.16 -4.94 27.74
N ARG D 119 -36.04 -5.96 26.88
CA ARG D 119 -34.72 -6.44 26.51
C ARG D 119 -33.95 -5.38 25.73
N PHE D 120 -34.64 -4.63 24.87
CA PHE D 120 -33.94 -3.61 24.11
C PHE D 120 -33.46 -2.50 25.02
N LYS D 121 -34.33 -2.02 25.91
CA LYS D 121 -33.92 -0.94 26.79
C LYS D 121 -32.80 -1.40 27.71
N SER D 122 -32.87 -2.64 28.18
CA SER D 122 -31.82 -3.20 29.02
C SER D 122 -30.50 -3.31 28.28
N ALA D 123 -30.51 -3.86 27.05
CA ALA D 123 -29.26 -3.94 26.29
C ALA D 123 -28.66 -2.55 26.07
N ALA D 124 -29.50 -1.57 25.73
CA ALA D 124 -29.01 -0.21 25.54
C ALA D 124 -28.37 0.33 26.82
N ALA D 125 -28.98 0.05 27.97
CA ALA D 125 -28.45 0.56 29.23
C ALA D 125 -27.13 -0.10 29.60
N SER D 126 -26.95 -1.36 29.25
CA SER D 126 -25.82 -2.12 29.78
C SER D 126 -24.61 -2.12 28.86
N ASN D 127 -24.67 -1.37 27.74
CA ASN D 127 -23.60 -1.31 26.75
C ASN D 127 -22.60 -0.25 27.20
N PHE D 128 -21.57 -0.66 27.92
CA PHE D 128 -20.70 0.28 28.64
C PHE D 128 -19.83 1.12 27.70
N GLY D 129 -19.56 2.36 28.11
CA GLY D 129 -18.78 3.25 27.25
C GLY D 129 -19.58 3.77 26.07
N SER D 130 -18.88 4.06 24.96
CA SER D 130 -19.54 4.57 23.76
C SER D 130 -20.00 3.41 22.88
N GLY D 131 -21.17 3.58 22.27
CA GLY D 131 -21.63 2.58 21.33
C GLY D 131 -23.08 2.78 20.99
N TRP D 132 -23.70 1.70 20.51
CA TRP D 132 -25.02 1.71 19.89
C TRP D 132 -25.71 0.42 20.23
N THR D 133 -27.04 0.47 20.26
CA THR D 133 -27.85 -0.73 20.37
C THR D 133 -28.85 -0.75 19.21
N TRP D 134 -29.06 -1.95 18.65
CA TRP D 134 -29.73 -2.14 17.38
C TRP D 134 -30.80 -3.22 17.50
N LEU D 135 -31.94 -2.99 16.85
CA LEU D 135 -32.77 -4.09 16.38
C LEU D 135 -32.36 -4.35 14.93
N ALA D 136 -32.06 -5.60 14.61
CA ALA D 136 -31.58 -5.95 13.28
C ALA D 136 -32.28 -7.20 12.79
N TYR D 137 -32.31 -7.34 11.46
CA TYR D 137 -32.91 -8.48 10.76
C TYR D 137 -31.79 -9.25 10.06
N LYS D 138 -31.72 -10.56 10.29
CA LYS D 138 -30.73 -11.41 9.66
C LYS D 138 -31.42 -12.53 8.88
N ALA D 139 -30.94 -12.77 7.67
CA ALA D 139 -31.50 -13.83 6.85
C ALA D 139 -30.39 -14.74 6.36
N LYS D 157 -35.03 -17.37 14.81
CA LYS D 157 -35.35 -15.98 15.08
C LYS D 157 -34.68 -15.07 14.04
N LYS D 158 -35.47 -14.25 13.35
CA LYS D 158 -34.93 -13.37 12.34
C LYS D 158 -34.64 -11.95 12.84
N LEU D 159 -35.31 -11.52 13.91
CA LEU D 159 -34.99 -10.27 14.59
C LEU D 159 -34.03 -10.52 15.75
N VAL D 160 -33.00 -9.67 15.86
CA VAL D 160 -32.04 -9.77 16.96
C VAL D 160 -31.78 -8.37 17.52
N ILE D 161 -31.58 -8.31 18.83
CA ILE D 161 -31.06 -7.11 19.47
C ILE D 161 -29.54 -7.23 19.49
N VAL D 162 -28.87 -6.15 19.09
CA VAL D 162 -27.42 -6.11 18.96
C VAL D 162 -26.87 -4.90 19.70
N LYS D 163 -25.82 -5.12 20.49
CA LYS D 163 -25.04 -4.04 21.08
C LYS D 163 -23.73 -3.98 20.33
N THR D 164 -23.31 -2.78 19.94
CA THR D 164 -21.99 -2.64 19.32
C THR D 164 -21.23 -1.55 20.05
N PRO D 165 -19.91 -1.67 20.10
CA PRO D 165 -19.09 -0.61 20.70
C PRO D 165 -18.75 0.48 19.68
N ASN D 166 -18.57 1.70 20.19
CA ASN D 166 -18.01 2.80 19.42
C ASN D 166 -18.71 3.00 18.07
N ALA D 167 -18.03 2.74 16.95
CA ALA D 167 -18.63 3.02 15.65
C ALA D 167 -19.21 1.80 14.96
N VAL D 168 -18.98 0.60 15.52
CA VAL D 168 -19.36 -0.63 14.85
C VAL D 168 -20.88 -0.68 14.70
N ASN D 169 -21.34 -1.28 13.60
CA ASN D 169 -22.76 -1.45 13.39
C ASN D 169 -23.03 -2.82 12.78
N PRO D 170 -24.29 -3.27 12.75
CA PRO D 170 -24.56 -4.66 12.34
C PRO D 170 -24.37 -4.92 10.85
N LEU D 171 -24.28 -3.90 9.98
CA LEU D 171 -23.99 -4.16 8.57
C LEU D 171 -22.75 -5.01 8.41
N VAL D 172 -21.78 -4.78 9.30
CA VAL D 172 -20.48 -5.42 9.25
C VAL D 172 -20.59 -6.95 9.35
N TRP D 173 -21.68 -7.45 9.95
CA TRP D 173 -21.92 -8.89 10.05
C TRP D 173 -23.10 -9.34 9.17
N ASP D 174 -23.38 -8.60 8.12
CA ASP D 174 -24.45 -8.87 7.15
C ASP D 174 -25.83 -8.91 7.78
N TYR D 175 -26.02 -8.22 8.90
CA TYR D 175 -27.35 -7.94 9.41
C TYR D 175 -27.89 -6.68 8.74
N SER D 176 -29.22 -6.59 8.65
CA SER D 176 -29.87 -5.39 8.11
C SER D 176 -30.42 -4.56 9.26
N PRO D 177 -29.76 -3.48 9.66
CA PRO D 177 -30.26 -2.66 10.78
C PRO D 177 -31.67 -2.14 10.53
N LEU D 178 -32.49 -2.15 11.59
CA LEU D 178 -33.84 -1.63 11.52
C LEU D 178 -34.09 -0.49 12.47
N LEU D 179 -33.33 -0.42 13.56
CA LEU D 179 -33.45 0.61 14.58
C LEU D 179 -32.11 0.73 15.27
N THR D 180 -31.72 1.96 15.60
CA THR D 180 -30.60 2.16 16.50
C THR D 180 -30.95 3.22 17.52
N ILE D 181 -30.28 3.14 18.67
CA ILE D 181 -30.18 4.23 19.61
C ILE D 181 -28.70 4.49 19.87
N ASP D 182 -28.29 5.74 19.70
CA ASP D 182 -26.94 6.21 19.99
C ASP D 182 -26.78 6.37 21.50
N THR D 183 -25.84 5.64 22.11
CA THR D 183 -25.60 5.79 23.54
C THR D 183 -24.21 6.32 23.85
N TRP D 184 -23.52 6.87 22.86
CA TRP D 184 -22.42 7.78 23.14
C TRP D 184 -22.91 8.88 24.07
N GLU D 185 -22.02 9.34 24.96
CA GLU D 185 -22.44 10.35 25.93
C GLU D 185 -22.97 11.60 25.23
N HIS D 186 -22.41 11.95 24.06
CA HIS D 186 -22.83 13.20 23.44
C HIS D 186 -24.28 13.18 23.00
N ALA D 187 -24.90 12.00 22.92
CA ALA D 187 -26.27 11.93 22.45
C ALA D 187 -27.28 12.32 23.51
N TYR D 188 -26.91 12.37 24.79
CA TYR D 188 -27.95 12.64 25.78
C TYR D 188 -27.51 13.57 26.90
N TYR D 189 -26.26 14.04 26.93
CA TYR D 189 -25.86 14.88 28.05
C TYR D 189 -26.75 16.12 28.15
N LEU D 190 -26.95 16.82 27.03
CA LEU D 190 -27.67 18.10 27.05
C LEU D 190 -29.14 17.93 27.43
N ASP D 191 -29.72 16.75 27.26
CA ASP D 191 -31.08 16.54 27.72
C ASP D 191 -31.18 15.76 29.02
N PHE D 192 -30.22 14.88 29.32
CA PHE D 192 -30.37 13.98 30.46
C PHE D 192 -29.13 13.87 31.32
N GLU D 193 -28.11 14.70 31.06
CA GLU D 193 -26.84 14.62 31.76
C GLU D 193 -26.30 13.20 31.68
N ASN D 194 -26.05 12.57 32.83
CA ASN D 194 -25.53 11.22 32.82
C ASN D 194 -26.62 10.15 32.88
N ARG D 195 -27.90 10.54 32.88
CA ARG D 195 -29.00 9.62 33.15
C ARG D 195 -29.45 8.93 31.86
N ARG D 196 -28.62 7.97 31.44
CA ARG D 196 -28.84 7.29 30.16
C ARG D 196 -30.14 6.50 30.13
N ALA D 197 -30.52 5.89 31.26
CA ALA D 197 -31.74 5.10 31.32
C ALA D 197 -32.96 5.95 31.03
N GLU D 198 -32.98 7.17 31.55
CA GLU D 198 -34.09 8.09 31.28
C GLU D 198 -34.09 8.49 29.81
N TYR D 199 -32.91 8.71 29.26
CA TYR D 199 -32.79 8.93 27.83
C TYR D 199 -33.38 7.75 27.05
N ILE D 200 -32.99 6.52 27.41
CA ILE D 200 -33.48 5.35 26.69
C ILE D 200 -34.99 5.21 26.84
N ASN D 201 -35.51 5.38 28.06
CA ASN D 201 -36.97 5.33 28.27
C ASN D 201 -37.69 6.35 27.39
N THR D 202 -37.20 7.58 27.36
CA THR D 202 -37.86 8.63 26.60
C THR D 202 -37.77 8.36 25.11
N PHE D 203 -36.62 7.87 24.67
CA PHE D 203 -36.44 7.52 23.27
C PHE D 203 -37.54 6.54 22.82
N MET D 204 -37.70 5.44 23.58
CA MET D 204 -38.66 4.40 23.20
C MET D 204 -40.09 4.87 23.35
N GLU D 205 -40.34 5.77 24.30
CA GLU D 205 -41.70 6.19 24.61
C GLU D 205 -42.17 7.33 23.72
N LYS D 206 -41.24 8.14 23.21
CA LYS D 206 -41.58 9.39 22.55
C LYS D 206 -40.99 9.59 21.16
N LEU D 207 -39.90 8.91 20.79
CA LEU D 207 -39.16 9.30 19.60
C LEU D 207 -39.10 8.24 18.51
N VAL D 208 -39.16 6.94 18.85
CA VAL D 208 -39.05 5.88 17.84
C VAL D 208 -40.05 6.09 16.73
N SER D 209 -39.57 6.00 15.49
CA SER D 209 -40.45 6.05 14.33
C SER D 209 -40.68 4.61 13.87
N TRP D 210 -41.69 3.96 14.45
CA TRP D 210 -41.96 2.57 14.09
C TRP D 210 -42.34 2.42 12.63
N GLU D 211 -42.90 3.48 12.01
CA GLU D 211 -43.12 3.47 10.57
C GLU D 211 -41.83 3.25 9.82
N THR D 212 -40.80 4.05 10.13
CA THR D 212 -39.51 3.91 9.50
C THR D 212 -38.94 2.51 9.75
N VAL D 213 -39.12 1.98 10.96
CA VAL D 213 -38.62 0.64 11.26
C VAL D 213 -39.34 -0.39 10.42
N SER D 214 -40.66 -0.24 10.26
CA SER D 214 -41.41 -1.15 9.40
C SER D 214 -40.92 -1.06 7.96
N THR D 215 -40.70 0.17 7.48
CA THR D 215 -40.24 0.34 6.10
C THR D 215 -38.91 -0.35 5.88
N ARG D 216 -38.01 -0.29 6.87
CA ARG D 216 -36.70 -0.92 6.70
C ARG D 216 -36.79 -2.44 6.77
N LEU D 217 -37.76 -2.96 7.52
CA LEU D 217 -37.94 -4.42 7.57
C LEU D 217 -38.43 -4.95 6.23
N GLU D 218 -39.37 -4.26 5.58
CA GLU D 218 -39.82 -4.67 4.26
C GLU D 218 -38.65 -4.76 3.28
N SER D 219 -37.80 -3.73 3.27
CA SER D 219 -36.64 -3.74 2.38
C SER D 219 -35.71 -4.90 2.70
N ALA D 220 -35.48 -5.16 3.99
CA ALA D 220 -34.64 -6.27 4.39
C ALA D 220 -35.19 -7.59 3.90
N ILE D 221 -36.51 -7.78 3.99
CA ILE D 221 -37.12 -9.03 3.54
C ILE D 221 -37.02 -9.14 2.01
N ALA D 222 -37.20 -8.02 1.31
CA ALA D 222 -37.09 -8.01 -0.14
C ALA D 222 -35.66 -8.29 -0.59
N ARG D 223 -34.68 -7.76 0.14
CA ARG D 223 -33.29 -8.09 -0.17
C ARG D 223 -33.04 -9.58 0.02
N ALA D 224 -33.55 -10.15 1.12
CA ALA D 224 -33.33 -11.56 1.42
C ALA D 224 -34.06 -12.44 0.42
N VAL D 225 -35.26 -12.05 0.02
CA VAL D 225 -36.03 -12.81 -0.98
C VAL D 225 -35.33 -12.76 -2.34
N GLN D 226 -34.86 -11.57 -2.74
CA GLN D 226 -34.12 -11.47 -4.01
C GLN D 226 -32.86 -12.33 -3.97
N ARG D 227 -32.24 -12.45 -2.81
CA ARG D 227 -31.04 -13.29 -2.68
C ARG D 227 -31.36 -14.76 -2.92
N GLU D 228 -32.59 -15.20 -2.61
CA GLU D 228 -32.99 -16.57 -2.88
C GLU D 228 -32.92 -16.90 -4.36
N GLN D 229 -33.38 -15.99 -5.21
CA GLN D 229 -33.36 -16.18 -6.66
C GLN D 229 -31.93 -16.36 -7.21
N GLY E 1 26.82 -59.21 -1.81
CA GLY E 1 25.86 -58.53 -0.95
C GLY E 1 24.52 -58.30 -1.62
N VAL E 2 23.79 -57.29 -1.11
CA VAL E 2 22.53 -56.89 -1.74
C VAL E 2 22.79 -56.52 -3.19
N ILE E 3 21.99 -57.09 -4.09
CA ILE E 3 22.19 -56.84 -5.52
C ILE E 3 21.50 -55.55 -5.93
N THR E 4 21.90 -55.06 -7.09
CA THR E 4 21.32 -53.90 -7.76
C THR E 4 20.41 -54.37 -8.91
N ALA E 5 19.65 -53.42 -9.45
CA ALA E 5 18.94 -53.59 -10.71
C ALA E 5 19.79 -53.20 -11.91
N GLY E 6 21.04 -52.79 -11.68
CA GLY E 6 21.91 -52.37 -12.77
C GLY E 6 21.56 -50.97 -13.25
N PHE E 7 22.01 -50.64 -14.46
CA PHE E 7 21.68 -49.34 -15.02
C PHE E 7 20.25 -49.34 -15.52
N GLU E 8 19.59 -48.19 -15.36
CA GLU E 8 18.18 -48.06 -15.69
C GLU E 8 18.04 -47.39 -17.05
N LEU E 9 16.89 -47.63 -17.68
CA LEU E 9 16.50 -46.94 -18.91
C LEU E 9 15.70 -45.72 -18.51
N LYS E 10 16.33 -44.57 -18.48
CA LYS E 10 15.64 -43.34 -18.14
C LYS E 10 14.78 -42.91 -19.32
N PRO E 11 13.50 -42.60 -19.10
CA PRO E 11 12.65 -42.16 -20.20
C PRO E 11 13.02 -40.78 -20.66
N PRO E 12 12.72 -40.43 -21.92
CA PRO E 12 12.94 -39.07 -22.38
C PRO E 12 12.17 -38.09 -21.51
N PRO E 13 12.69 -36.86 -21.33
CA PRO E 13 12.03 -35.87 -20.45
C PRO E 13 10.78 -35.21 -21.03
N TYR E 14 10.04 -35.92 -21.88
CA TYR E 14 8.80 -35.43 -22.45
C TYR E 14 8.00 -36.66 -22.88
N PRO E 15 6.67 -36.55 -22.97
CA PRO E 15 5.89 -37.67 -23.49
C PRO E 15 6.39 -38.08 -24.87
N LEU E 16 6.21 -39.36 -25.20
CA LEU E 16 6.85 -39.92 -26.38
C LEU E 16 6.31 -39.37 -27.70
N ASP E 17 5.20 -38.63 -27.66
CA ASP E 17 4.65 -37.97 -28.84
C ASP E 17 4.86 -36.46 -28.80
N ALA E 18 5.61 -35.96 -27.81
CA ALA E 18 5.80 -34.52 -27.62
C ALA E 18 6.68 -33.89 -28.69
N LEU E 19 7.37 -34.69 -29.51
CA LEU E 19 8.24 -34.18 -30.55
C LEU E 19 7.60 -34.24 -31.94
N GLU E 20 6.31 -34.58 -32.02
CA GLU E 20 5.64 -34.64 -33.30
C GLU E 20 5.29 -33.23 -33.73
N PRO E 21 5.28 -32.97 -35.04
CA PRO E 21 5.52 -33.90 -36.17
C PRO E 21 6.99 -34.10 -36.56
N HIS E 22 7.91 -33.51 -35.80
CA HIS E 22 9.31 -33.48 -36.20
C HIS E 22 10.01 -34.80 -35.93
N MET E 23 9.72 -35.43 -34.79
CA MET E 23 10.18 -36.78 -34.51
C MET E 23 8.99 -37.57 -33.99
N SER E 24 8.60 -38.59 -34.74
CA SER E 24 7.30 -39.21 -34.50
C SER E 24 7.33 -40.12 -33.28
N ARG E 25 6.13 -40.34 -32.73
CA ARG E 25 5.94 -41.34 -31.69
C ARG E 25 6.53 -42.67 -32.10
N GLU E 26 6.27 -43.10 -33.34
CA GLU E 26 6.82 -44.35 -33.83
C GLU E 26 8.35 -44.36 -33.74
N THR E 27 8.99 -43.22 -34.01
CA THR E 27 10.44 -43.14 -33.88
C THR E 27 10.87 -43.36 -32.44
N LEU E 28 10.27 -42.64 -31.50
CA LEU E 28 10.67 -42.79 -30.11
C LEU E 28 10.38 -44.20 -29.61
N ASP E 29 9.26 -44.79 -30.02
CA ASP E 29 8.97 -46.18 -29.66
C ASP E 29 10.10 -47.11 -30.11
N TYR E 30 10.70 -46.83 -31.27
CA TYR E 30 11.75 -47.69 -31.79
C TYR E 30 13.13 -47.31 -31.25
N HIS E 31 13.49 -46.03 -31.36
CA HIS E 31 14.85 -45.63 -30.97
C HIS E 31 15.03 -45.74 -29.47
N TRP E 32 14.07 -45.26 -28.68
CA TRP E 32 14.15 -45.35 -27.22
C TRP E 32 13.68 -46.72 -26.73
N GLY E 33 12.45 -47.10 -27.09
CA GLY E 33 11.85 -48.34 -26.62
C GLY E 33 12.55 -49.61 -27.04
N LYS E 34 13.30 -49.60 -28.15
CA LYS E 34 14.01 -50.82 -28.53
C LYS E 34 15.52 -50.63 -28.50
N HIS E 35 16.06 -49.70 -29.29
CA HIS E 35 17.51 -49.59 -29.35
C HIS E 35 18.10 -49.17 -28.00
N HIS E 36 17.57 -48.10 -27.41
CA HIS E 36 18.08 -47.62 -26.14
C HIS E 36 17.90 -48.66 -25.05
N LYS E 37 16.71 -49.26 -24.98
CA LYS E 37 16.46 -50.35 -24.04
C LYS E 37 17.45 -51.49 -24.25
N THR E 38 17.82 -51.76 -25.51
CA THR E 38 18.68 -52.90 -25.77
C THR E 38 20.12 -52.62 -25.36
N TYR E 39 20.60 -51.41 -25.61
CA TYR E 39 21.92 -51.02 -25.10
C TYR E 39 21.99 -51.19 -23.58
N VAL E 40 20.96 -50.76 -22.86
CA VAL E 40 21.00 -50.86 -21.39
C VAL E 40 20.90 -52.32 -20.96
N GLU E 41 19.95 -53.08 -21.53
CA GLU E 41 19.84 -54.47 -21.17
C GLU E 41 21.11 -55.24 -21.53
N ASN E 42 21.72 -54.93 -22.68
CA ASN E 42 22.94 -55.64 -23.03
C ASN E 42 24.11 -55.22 -22.15
N LEU E 43 24.17 -53.96 -21.73
CA LEU E 43 25.20 -53.55 -20.78
C LEU E 43 25.01 -54.24 -19.44
N ASN E 44 23.78 -54.33 -18.96
CA ASN E 44 23.52 -55.01 -17.69
C ASN E 44 23.91 -56.49 -17.75
N LYS E 45 23.62 -57.16 -18.87
CA LYS E 45 24.07 -58.55 -19.01
C LYS E 45 25.59 -58.64 -18.98
N GLN E 46 26.28 -57.69 -19.61
CA GLN E 46 27.74 -57.77 -19.65
C GLN E 46 28.39 -57.57 -18.29
N ILE E 47 27.80 -56.77 -17.41
CA ILE E 47 28.48 -56.44 -16.16
C ILE E 47 28.00 -57.28 -15.00
N LEU E 48 27.09 -58.22 -15.24
CA LEU E 48 26.79 -59.25 -14.23
C LEU E 48 28.08 -59.90 -13.76
N GLY E 49 28.19 -60.07 -12.45
CA GLY E 49 29.39 -60.66 -11.88
C GLY E 49 30.50 -59.68 -11.57
N THR E 50 30.26 -58.38 -11.72
CA THR E 50 31.17 -57.32 -11.30
C THR E 50 30.39 -56.29 -10.50
N ASP E 51 31.12 -55.30 -9.97
CA ASP E 51 30.51 -54.19 -9.25
C ASP E 51 30.52 -52.90 -10.06
N LEU E 52 30.49 -53.01 -11.40
CA LEU E 52 30.54 -51.83 -12.24
C LEU E 52 29.27 -51.00 -12.15
N ASP E 53 28.13 -51.64 -11.86
CA ASP E 53 26.90 -50.86 -11.72
C ASP E 53 26.89 -49.97 -10.49
N ALA E 54 27.90 -50.09 -9.61
CA ALA E 54 28.09 -49.09 -8.56
C ALA E 54 28.70 -47.81 -9.09
N LEU E 55 29.33 -47.86 -10.25
CA LEU E 55 29.89 -46.69 -10.91
C LEU E 55 28.82 -45.95 -11.70
N SER E 56 29.11 -44.69 -12.01
CA SER E 56 28.30 -43.96 -12.98
C SER E 56 28.58 -44.47 -14.39
N LEU E 57 27.59 -44.29 -15.28
CA LEU E 57 27.79 -44.60 -16.69
C LEU E 57 29.09 -43.97 -17.22
N GLU E 58 29.22 -42.65 -17.06
CA GLU E 58 30.45 -41.92 -17.38
C GLU E 58 31.70 -42.70 -16.99
N GLU E 59 31.73 -43.16 -15.74
CA GLU E 59 32.91 -43.86 -15.25
C GLU E 59 33.11 -45.18 -15.96
N VAL E 60 32.03 -45.89 -16.24
CA VAL E 60 32.16 -47.13 -16.99
C VAL E 60 32.65 -46.84 -18.41
N VAL E 61 32.13 -45.77 -19.04
CA VAL E 61 32.58 -45.38 -20.37
C VAL E 61 34.09 -45.14 -20.37
N LEU E 62 34.58 -44.30 -19.45
CA LEU E 62 36.02 -44.01 -19.39
C LEU E 62 36.84 -45.25 -19.06
N LEU E 63 36.34 -46.07 -18.14
CA LEU E 63 37.10 -47.23 -17.68
C LEU E 63 37.31 -48.23 -18.81
N SER E 64 36.33 -48.37 -19.67
CA SER E 64 36.36 -49.36 -20.72
C SER E 64 36.87 -48.81 -22.06
N TYR E 65 37.14 -47.50 -22.17
CA TYR E 65 37.66 -46.99 -23.45
C TYR E 65 39.09 -47.45 -23.71
N ASN E 66 39.92 -47.49 -22.67
CA ASN E 66 41.29 -48.03 -22.75
C ASN E 66 42.04 -47.43 -23.96
N LYS E 67 41.96 -46.10 -24.06
CA LYS E 67 42.78 -45.34 -25.03
C LYS E 67 42.56 -45.80 -26.47
N GLY E 68 41.34 -46.21 -26.82
CA GLY E 68 41.03 -46.64 -28.16
C GLY E 68 40.94 -48.15 -28.36
N ASN E 69 41.70 -48.93 -27.60
CA ASN E 69 41.57 -50.39 -27.61
C ASN E 69 40.46 -50.79 -26.62
N MET E 70 39.22 -50.64 -27.08
CA MET E 70 38.09 -50.63 -26.18
C MET E 70 37.81 -52.01 -25.59
N LEU E 71 37.38 -52.00 -24.33
CA LEU E 71 37.02 -53.21 -23.58
C LEU E 71 35.56 -53.55 -23.85
N PRO E 72 35.14 -54.78 -23.51
CA PRO E 72 33.84 -55.29 -23.98
C PRO E 72 32.62 -54.43 -23.66
N ALA E 73 32.57 -53.83 -22.48
CA ALA E 73 31.39 -53.07 -22.11
C ALA E 73 31.33 -51.70 -22.77
N PHE E 74 32.36 -51.28 -23.51
CA PHE E 74 32.41 -49.89 -23.94
C PHE E 74 31.20 -49.50 -24.79
N ASN E 75 30.94 -50.25 -25.87
CA ASN E 75 29.91 -49.83 -26.83
C ASN E 75 28.55 -49.71 -26.17
N ASN E 76 28.18 -50.68 -25.33
CA ASN E 76 26.86 -50.63 -24.72
C ASN E 76 26.77 -49.50 -23.70
N ALA E 77 27.85 -49.25 -22.95
CA ALA E 77 27.84 -48.17 -21.97
C ALA E 77 27.89 -46.80 -22.65
N ALA E 78 28.72 -46.67 -23.68
CA ALA E 78 28.78 -45.38 -24.36
C ALA E 78 27.45 -45.09 -25.04
N GLN E 79 26.85 -46.09 -25.67
CA GLN E 79 25.56 -45.89 -26.32
C GLN E 79 24.49 -45.52 -25.31
N ALA E 80 24.48 -46.19 -24.14
CA ALA E 80 23.50 -45.82 -23.12
C ALA E 80 23.67 -44.38 -22.72
N TRP E 81 24.90 -43.98 -22.40
CA TRP E 81 25.16 -42.59 -22.07
C TRP E 81 24.80 -41.67 -23.25
N ASN E 82 25.19 -42.05 -24.48
CA ASN E 82 24.93 -41.16 -25.61
C ASN E 82 23.43 -40.90 -25.79
N HIS E 83 22.60 -41.95 -25.68
CA HIS E 83 21.17 -41.78 -25.93
C HIS E 83 20.49 -40.99 -24.83
N GLU E 84 20.91 -41.18 -23.58
CA GLU E 84 20.39 -40.33 -22.53
C GLU E 84 20.70 -38.88 -22.85
N PHE E 85 21.96 -38.61 -23.20
CA PHE E 85 22.36 -37.26 -23.57
C PHE E 85 21.55 -36.77 -24.76
N PHE E 86 21.31 -37.66 -25.73
CA PHE E 86 20.53 -37.30 -26.92
C PHE E 86 19.13 -36.84 -26.56
N TRP E 87 18.41 -37.67 -25.78
CA TRP E 87 17.01 -37.33 -25.49
C TRP E 87 16.91 -36.02 -24.74
N GLU E 88 17.96 -35.66 -24.00
CA GLU E 88 17.91 -34.45 -23.21
C GLU E 88 18.50 -33.26 -23.94
N SER E 89 19.09 -33.49 -25.12
CA SER E 89 19.52 -32.41 -25.99
C SER E 89 18.37 -31.74 -26.72
N ILE E 90 17.15 -32.30 -26.65
CA ILE E 90 16.03 -31.79 -27.43
C ILE E 90 14.82 -31.63 -26.54
N GLN E 91 13.81 -30.96 -27.06
CA GLN E 91 12.63 -30.56 -26.31
C GLN E 91 11.53 -30.25 -27.30
N PRO E 92 10.26 -30.33 -26.88
CA PRO E 92 9.20 -29.71 -27.65
C PRO E 92 9.51 -28.23 -27.85
N GLY E 93 9.28 -27.76 -29.07
CA GLY E 93 9.48 -26.35 -29.37
C GLY E 93 10.91 -25.89 -29.19
N GLY E 94 11.88 -26.72 -29.57
CA GLY E 94 13.27 -26.31 -29.59
C GLY E 94 13.58 -25.46 -30.80
N GLY E 95 14.83 -25.51 -31.25
CA GLY E 95 15.28 -24.64 -32.32
C GLY E 95 15.64 -23.25 -31.79
N GLY E 96 15.56 -22.26 -32.67
CA GLY E 96 15.95 -20.93 -32.28
C GLY E 96 17.47 -20.84 -32.09
N LYS E 97 17.87 -19.76 -31.40
CA LYS E 97 19.27 -19.45 -31.14
C LYS E 97 19.58 -19.60 -29.65
N PRO E 98 20.84 -19.87 -29.33
CA PRO E 98 21.25 -19.82 -27.93
C PRO E 98 21.36 -18.39 -27.45
N THR E 99 21.32 -18.20 -26.14
CA THR E 99 21.49 -16.88 -25.56
C THR E 99 22.74 -16.86 -24.67
N GLY E 100 23.02 -15.68 -24.13
CA GLY E 100 23.98 -15.55 -23.05
C GLY E 100 25.37 -16.05 -23.38
N GLU E 101 26.02 -16.67 -22.39
CA GLU E 101 27.41 -17.09 -22.52
C GLU E 101 27.60 -18.10 -23.63
N LEU E 102 26.60 -18.95 -23.89
CA LEU E 102 26.77 -19.95 -24.93
C LEU E 102 26.78 -19.30 -26.31
N LEU E 103 25.91 -18.32 -26.54
CA LEU E 103 25.95 -17.58 -27.80
C LEU E 103 27.27 -16.82 -27.93
N ARG E 104 27.74 -16.24 -26.83
CA ARG E 104 28.99 -15.50 -26.85
C ARG E 104 30.15 -16.39 -27.28
N LEU E 105 30.27 -17.58 -26.66
CA LEU E 105 31.36 -18.49 -27.01
C LEU E 105 31.24 -18.97 -28.45
N ILE E 106 30.02 -19.27 -28.89
CA ILE E 106 29.80 -19.72 -30.26
C ILE E 106 30.28 -18.66 -31.23
N GLU E 107 29.91 -17.40 -30.96
CA GLU E 107 30.32 -16.31 -31.84
C GLU E 107 31.83 -16.10 -31.79
N ARG E 108 32.44 -16.31 -30.63
CA ARG E 108 33.88 -16.12 -30.52
C ARG E 108 34.64 -17.24 -31.20
N ASP E 109 34.15 -18.47 -31.09
CA ASP E 109 34.91 -19.60 -31.60
C ASP E 109 34.53 -19.98 -33.02
N PHE E 110 33.34 -19.61 -33.48
CA PHE E 110 32.93 -19.91 -34.85
C PHE E 110 32.61 -18.66 -35.65
N GLY E 111 32.77 -17.47 -35.07
CA GLY E 111 32.56 -16.21 -35.80
C GLY E 111 31.14 -15.69 -35.71
N SER E 112 30.17 -16.59 -35.85
CA SER E 112 28.77 -16.21 -35.69
C SER E 112 27.99 -17.49 -35.47
N PHE E 113 26.74 -17.34 -35.00
CA PHE E 113 25.92 -18.53 -34.80
C PHE E 113 25.58 -19.17 -36.14
N GLU E 114 25.42 -18.35 -37.16
CA GLU E 114 25.12 -18.83 -38.51
C GLU E 114 26.27 -19.68 -39.03
N GLU E 115 27.51 -19.24 -38.84
CA GLU E 115 28.66 -20.04 -39.26
C GLU E 115 28.75 -21.31 -38.43
N PHE E 116 28.52 -21.21 -37.11
CA PHE E 116 28.54 -22.41 -36.27
C PHE E 116 27.51 -23.41 -36.78
N LEU E 117 26.29 -22.93 -37.04
CA LEU E 117 25.22 -23.81 -37.50
C LEU E 117 25.65 -24.53 -38.78
N GLU E 118 26.19 -23.79 -39.74
CA GLU E 118 26.58 -24.40 -41.01
C GLU E 118 27.62 -25.49 -40.80
N ARG E 119 28.65 -25.20 -40.00
CA ARG E 119 29.69 -26.19 -39.78
C ARG E 119 29.17 -27.39 -39.02
N PHE E 120 28.23 -27.15 -38.10
CA PHE E 120 27.68 -28.25 -37.31
C PHE E 120 26.88 -29.18 -38.17
N LYS E 121 25.97 -28.62 -38.98
CA LYS E 121 25.15 -29.45 -39.85
C LYS E 121 26.01 -30.19 -40.88
N SER E 122 27.00 -29.51 -41.44
CA SER E 122 27.88 -30.15 -42.41
C SER E 122 28.70 -31.26 -41.78
N ALA E 123 29.16 -31.06 -40.54
CA ALA E 123 29.85 -32.12 -39.84
C ALA E 123 28.93 -33.32 -39.63
N ALA E 124 27.70 -33.06 -39.18
CA ALA E 124 26.75 -34.13 -38.95
C ALA E 124 26.43 -34.88 -40.23
N ALA E 125 26.37 -34.17 -41.37
CA ALA E 125 26.05 -34.81 -42.64
C ALA E 125 27.20 -35.67 -43.15
N SER E 126 28.43 -35.23 -42.95
CA SER E 126 29.59 -35.89 -43.55
C SER E 126 30.19 -37.00 -42.68
N ASN E 127 29.53 -37.34 -41.58
CA ASN E 127 30.03 -38.37 -40.68
C ASN E 127 29.49 -39.70 -41.22
N PHE E 128 30.33 -40.42 -41.97
CA PHE E 128 29.86 -41.56 -42.75
C PHE E 128 29.64 -42.77 -41.86
N GLY E 129 28.60 -43.56 -42.18
CA GLY E 129 28.24 -44.71 -41.36
C GLY E 129 27.57 -44.28 -40.07
N SER E 130 27.65 -45.17 -39.09
CA SER E 130 27.03 -44.92 -37.79
C SER E 130 27.90 -44.00 -36.96
N GLY E 131 27.27 -43.05 -36.27
CA GLY E 131 28.03 -42.18 -35.39
C GLY E 131 27.21 -41.04 -34.86
N TRP E 132 27.94 -40.04 -34.34
CA TRP E 132 27.39 -38.92 -33.60
C TRP E 132 28.15 -37.66 -33.99
N THR E 133 27.49 -36.52 -33.91
CA THR E 133 28.20 -35.25 -34.01
C THR E 133 27.90 -34.41 -32.77
N TRP E 134 28.93 -33.73 -32.27
CA TRP E 134 28.89 -33.09 -30.97
C TRP E 134 29.36 -31.66 -31.05
N LEU E 135 28.81 -30.86 -30.16
CA LEU E 135 29.42 -29.63 -29.70
C LEU E 135 29.95 -29.90 -28.31
N ALA E 136 31.21 -29.57 -28.07
CA ALA E 136 31.85 -29.89 -26.81
C ALA E 136 32.72 -28.72 -26.39
N TYR E 137 32.95 -28.65 -25.08
CA TYR E 137 33.78 -27.63 -24.46
C TYR E 137 35.06 -28.31 -23.96
N LYS E 138 36.20 -27.64 -24.13
CA LYS E 138 37.45 -28.17 -23.59
C LYS E 138 38.18 -27.07 -22.85
N ALA E 139 38.56 -27.37 -21.61
CA ALA E 139 39.31 -26.44 -20.78
C ALA E 139 40.81 -26.64 -20.91
N ASN E 140 41.27 -27.89 -20.80
CA ASN E 140 42.69 -28.25 -20.88
C ASN E 140 43.55 -27.37 -19.95
N LYS E 157 40.64 -21.72 -28.60
CA LYS E 157 39.22 -22.06 -28.83
C LYS E 157 38.69 -23.01 -27.75
N LYS E 158 37.55 -22.67 -27.15
CA LYS E 158 36.98 -23.47 -26.07
C LYS E 158 35.84 -24.37 -26.55
N LEU E 159 35.10 -23.98 -27.58
CA LEU E 159 34.08 -24.83 -28.18
C LEU E 159 34.63 -25.48 -29.44
N VAL E 160 34.31 -26.77 -29.64
CA VAL E 160 34.75 -27.53 -30.80
C VAL E 160 33.61 -28.40 -31.30
N ILE E 161 33.58 -28.61 -32.62
CA ILE E 161 32.68 -29.59 -33.22
C ILE E 161 33.43 -30.91 -33.37
N VAL E 162 32.81 -32.01 -32.92
CA VAL E 162 33.43 -33.33 -32.88
C VAL E 162 32.56 -34.32 -33.66
N LYS E 163 33.17 -35.08 -34.55
CA LYS E 163 32.55 -36.25 -35.15
C LYS E 163 33.07 -37.49 -34.44
N THR E 164 32.17 -38.42 -34.14
CA THR E 164 32.60 -39.69 -33.56
C THR E 164 31.96 -40.83 -34.32
N PRO E 165 32.68 -41.93 -34.48
CA PRO E 165 32.10 -43.14 -35.07
C PRO E 165 31.41 -44.00 -34.03
N ASN E 166 30.30 -44.61 -34.44
CA ASN E 166 29.68 -45.70 -33.67
C ASN E 166 29.28 -45.24 -32.27
N ALA E 167 29.92 -45.74 -31.21
CA ALA E 167 29.53 -45.40 -29.84
C ALA E 167 30.43 -44.37 -29.18
N VAL E 168 31.54 -43.99 -29.82
CA VAL E 168 32.53 -43.12 -29.18
C VAL E 168 31.91 -41.74 -28.94
N ASN E 169 32.32 -41.12 -27.85
CA ASN E 169 31.84 -39.78 -27.57
C ASN E 169 33.03 -38.96 -27.05
N PRO E 170 32.90 -37.64 -26.89
CA PRO E 170 34.08 -36.84 -26.55
C PRO E 170 34.51 -36.92 -25.09
N LEU E 171 33.70 -37.47 -24.16
CA LEU E 171 34.15 -37.70 -22.78
C LEU E 171 35.49 -38.39 -22.76
N VAL E 172 35.68 -39.30 -23.71
CA VAL E 172 36.84 -40.15 -23.78
C VAL E 172 38.13 -39.39 -24.02
N TRP E 173 38.04 -38.11 -24.42
CA TRP E 173 39.19 -37.24 -24.61
C TRP E 173 39.22 -36.07 -23.63
N ASP E 174 38.36 -36.11 -22.60
CA ASP E 174 38.25 -35.09 -21.58
C ASP E 174 37.55 -33.82 -22.07
N TYR E 175 36.73 -33.94 -23.12
CA TYR E 175 35.82 -32.87 -23.52
C TYR E 175 34.53 -32.96 -22.73
N SER E 176 33.89 -31.80 -22.52
CA SER E 176 32.56 -31.79 -21.93
C SER E 176 31.53 -31.68 -23.04
N PRO E 177 30.82 -32.75 -23.36
CA PRO E 177 29.79 -32.68 -24.40
C PRO E 177 28.70 -31.70 -24.02
N LEU E 178 28.31 -30.87 -24.98
CA LEU E 178 27.24 -29.89 -24.76
C LEU E 178 25.98 -30.21 -25.53
N LEU E 179 26.14 -30.76 -26.73
CA LEU E 179 25.05 -31.08 -27.64
C LEU E 179 25.46 -32.32 -28.42
N THR E 180 24.49 -33.12 -28.84
CA THR E 180 24.77 -34.21 -29.75
C THR E 180 23.61 -34.40 -30.70
N ILE E 181 23.91 -34.94 -31.87
CA ILE E 181 22.87 -35.48 -32.74
C ILE E 181 23.28 -36.91 -33.11
N ASP E 182 22.32 -37.84 -33.00
CA ASP E 182 22.50 -39.24 -33.38
C ASP E 182 22.35 -39.35 -34.88
N THR E 183 23.38 -39.86 -35.58
CA THR E 183 23.25 -40.03 -37.02
C THR E 183 23.38 -41.50 -37.44
N TRP E 184 23.24 -42.41 -36.47
CA TRP E 184 22.93 -43.80 -36.79
C TRP E 184 21.64 -43.84 -37.57
N GLU E 185 21.54 -44.77 -38.52
CA GLU E 185 20.39 -44.83 -39.41
C GLU E 185 19.08 -44.97 -38.64
N HIS E 186 19.09 -45.65 -37.49
CA HIS E 186 17.83 -45.86 -36.77
C HIS E 186 17.32 -44.56 -36.15
N ALA E 187 18.19 -43.57 -35.99
CA ALA E 187 17.75 -42.27 -35.48
C ALA E 187 16.73 -41.61 -36.39
N TYR E 188 16.76 -41.88 -37.70
CA TYR E 188 15.97 -41.07 -38.61
C TYR E 188 15.26 -41.80 -39.74
N TYR E 189 15.33 -43.13 -39.82
CA TYR E 189 14.63 -43.83 -40.90
C TYR E 189 13.13 -43.56 -40.87
N LEU E 190 12.50 -43.77 -39.71
CA LEU E 190 11.04 -43.71 -39.65
C LEU E 190 10.49 -42.32 -39.93
N ASP E 191 11.29 -41.27 -39.79
CA ASP E 191 10.82 -39.93 -40.11
C ASP E 191 11.40 -39.36 -41.39
N PHE E 192 12.61 -39.77 -41.79
CA PHE E 192 13.28 -39.14 -42.93
C PHE E 192 13.83 -40.13 -43.95
N GLU E 193 13.54 -41.43 -43.80
CA GLU E 193 14.11 -42.49 -44.62
C GLU E 193 15.62 -42.31 -44.67
N ASN E 194 16.21 -42.17 -45.85
CA ASN E 194 17.64 -41.99 -45.93
C ASN E 194 18.06 -40.52 -45.95
N ARG E 195 17.11 -39.59 -45.79
CA ARG E 195 17.36 -38.16 -46.01
C ARG E 195 17.90 -37.52 -44.73
N ARG E 196 19.15 -37.87 -44.42
CA ARG E 196 19.79 -37.45 -43.18
C ARG E 196 19.91 -35.93 -43.08
N ALA E 197 20.21 -35.26 -44.21
CA ALA E 197 20.35 -33.80 -44.22
C ALA E 197 19.06 -33.13 -43.78
N GLU E 198 17.93 -33.67 -44.22
CA GLU E 198 16.63 -33.17 -43.80
C GLU E 198 16.42 -33.44 -42.31
N TYR E 199 16.83 -34.61 -41.85
CA TYR E 199 16.77 -34.92 -40.43
C TYR E 199 17.61 -33.93 -39.63
N ILE E 200 18.87 -33.75 -40.02
CA ILE E 200 19.77 -32.80 -39.35
C ILE E 200 19.15 -31.41 -39.32
N ASN E 201 18.51 -31.03 -40.42
CA ASN E 201 18.00 -29.66 -40.54
C ASN E 201 16.83 -29.43 -39.60
N THR E 202 15.90 -30.39 -39.55
CA THR E 202 14.79 -30.34 -38.60
C THR E 202 15.29 -30.38 -37.16
N PHE E 203 16.38 -31.09 -36.91
CA PHE E 203 16.89 -31.20 -35.55
C PHE E 203 17.31 -29.83 -35.03
N MET E 204 18.11 -29.10 -35.83
CA MET E 204 18.56 -27.77 -35.43
C MET E 204 17.43 -26.75 -35.47
N GLU E 205 16.48 -26.92 -36.40
CA GLU E 205 15.42 -25.94 -36.59
C GLU E 205 14.35 -26.05 -35.52
N LYS E 206 14.07 -27.27 -35.06
CA LYS E 206 12.87 -27.50 -34.28
C LYS E 206 13.11 -28.22 -32.94
N LEU E 207 14.18 -28.99 -32.82
CA LEU E 207 14.31 -29.91 -31.69
C LEU E 207 15.34 -29.49 -30.64
N VAL E 208 16.50 -28.96 -31.06
CA VAL E 208 17.59 -28.66 -30.14
C VAL E 208 17.10 -27.85 -28.96
N SER E 209 17.52 -28.25 -27.75
CA SER E 209 17.19 -27.52 -26.51
C SER E 209 18.40 -26.67 -26.13
N TRP E 210 18.38 -25.41 -26.56
CA TRP E 210 19.50 -24.52 -26.29
C TRP E 210 19.64 -24.21 -24.80
N GLU E 211 18.52 -24.18 -24.08
CA GLU E 211 18.56 -24.05 -22.62
C GLU E 211 19.41 -25.16 -22.01
N THR E 212 19.18 -26.41 -22.44
CA THR E 212 19.93 -27.54 -21.88
C THR E 212 21.41 -27.44 -22.23
N VAL E 213 21.71 -26.97 -23.44
CA VAL E 213 23.11 -26.84 -23.85
C VAL E 213 23.81 -25.80 -23.00
N SER E 214 23.11 -24.68 -22.71
CA SER E 214 23.63 -23.67 -21.80
C SER E 214 23.86 -24.23 -20.40
N THR E 215 22.95 -25.08 -19.92
CA THR E 215 23.13 -25.61 -18.58
C THR E 215 24.37 -26.48 -18.50
N ARG E 216 24.57 -27.34 -19.52
CA ARG E 216 25.77 -28.17 -19.52
C ARG E 216 27.03 -27.35 -19.68
N LEU E 217 26.94 -26.22 -20.41
CA LEU E 217 28.09 -25.35 -20.55
C LEU E 217 28.52 -24.79 -19.20
N GLU E 218 27.55 -24.30 -18.42
CA GLU E 218 27.87 -23.76 -17.10
C GLU E 218 28.49 -24.82 -16.20
N SER E 219 27.99 -26.06 -16.28
CA SER E 219 28.63 -27.16 -15.55
C SER E 219 30.05 -27.37 -16.01
N ALA E 220 30.29 -27.31 -17.33
CA ALA E 220 31.64 -27.48 -17.84
C ALA E 220 32.56 -26.38 -17.35
N ILE E 221 32.08 -25.13 -17.33
CA ILE E 221 32.91 -24.02 -16.87
C ILE E 221 33.15 -24.13 -15.37
N ALA E 222 32.12 -24.57 -14.63
CA ALA E 222 32.30 -24.72 -13.19
C ALA E 222 33.34 -25.80 -12.88
N ARG E 223 33.29 -26.93 -13.59
CA ARG E 223 34.26 -27.99 -13.34
C ARG E 223 35.68 -27.53 -13.64
N ALA E 224 35.84 -26.78 -14.74
CA ALA E 224 37.17 -26.27 -15.08
C ALA E 224 37.64 -25.27 -14.03
N VAL E 225 36.73 -24.40 -13.57
CA VAL E 225 37.07 -23.49 -12.48
C VAL E 225 37.44 -24.27 -11.22
N GLN E 226 36.64 -25.27 -10.86
CA GLN E 226 36.92 -26.03 -9.64
C GLN E 226 38.20 -26.83 -9.76
N ARG E 227 38.56 -27.21 -11.00
CA ARG E 227 39.83 -27.89 -11.21
C ARG E 227 41.02 -26.92 -11.15
N GLU E 228 40.77 -25.62 -11.35
CA GLU E 228 41.83 -24.63 -11.14
C GLU E 228 42.30 -24.61 -9.70
N GLN E 229 41.36 -24.68 -8.74
CA GLN E 229 41.69 -24.73 -7.33
C GLN E 229 42.41 -26.03 -6.99
ZN ZN F . 11.65 9.32 -4.18
ZN ZN G . 5.46 22.08 -15.54
ZN ZN H . -14.44 10.46 33.68
ZN ZN I . -23.72 10.31 18.16
ZN ZN J . 20.59 -44.09 -31.54
#